data_3VDH
#
_entry.id   3VDH
#
_cell.length_a   57.908
_cell.length_b   85.254
_cell.length_c   74.556
_cell.angle_alpha   90.00
_cell.angle_beta   109.15
_cell.angle_gamma   90.00
#
_symmetry.space_group_name_H-M   'P 1 21 1'
#
loop_
_entity.id
_entity.type
_entity.pdbx_description
1 polymer B-1,4-endoglucanase
2 non-polymer 'CHLORIDE ION'
3 water water
#
_entity_poly.entity_id   1
_entity_poly.type   'polypeptide(L)'
_entity_poly.pdbx_seq_one_letter_code
;(MSE)INQNATY(MSE)EESAQSAVDNFGLGFNLGNTLDANGCGTGKPVATYETFWGQPETTQD(MSE)(MSE)TFL
(MSE)QNGFNAVRIPVTWYEH(MSE)DAEGNVDEAW(MSE)(MSE)RVKAIVEYA(MSE)NAGLYAIVNVHHDTAAGSGA
WIKADTDVYAATKEKFKKLWTQIANALADYDQHLLFEGYNE(MSE)LDGNNSWDEPQKASGYEALNNYAQDFVDAVRATG
GNNATRNLIVNTYAAAKGENVLNNF(MSE)LPTDAVNNHLIVQVHSYDPWNFFNTKTTWDSECHNTLTEIFSALSKKFTT
IPYIIGEYGTHGESDISVSKSSPAEKIKLAADQAAD(MSE)VKLAKDHHSATFYW(MSE)SIFDGSDRIQPQWSLPTVVE
A(MSE)QEAYNN
;
_entity_poly.pdbx_strand_id   A,B
#
# COMPACT_ATOMS: atom_id res chain seq x y z
N THR A 7 -27.68 2.93 -31.14
CA THR A 7 -27.07 3.49 -32.34
C THR A 7 -25.88 4.37 -32.03
N TYR A 8 -24.80 4.18 -32.79
CA TYR A 8 -23.60 4.98 -32.63
C TYR A 8 -23.80 6.36 -33.24
N GLU A 10 -21.42 9.44 -33.56
CA GLU A 10 -20.10 10.03 -33.42
C GLU A 10 -20.12 11.40 -32.77
N GLU A 11 -19.15 11.66 -31.90
CA GLU A 11 -19.05 12.98 -31.29
C GLU A 11 -17.61 13.31 -30.93
N SER A 12 -17.29 14.59 -30.88
CA SER A 12 -15.93 14.99 -30.55
C SER A 12 -15.55 14.57 -29.14
N ALA A 13 -14.26 14.43 -28.95
CA ALA A 13 -13.67 14.15 -27.65
C ALA A 13 -14.08 15.21 -26.62
N GLN A 14 -14.05 16.49 -27.01
CA GLN A 14 -14.48 17.56 -26.10
C GLN A 14 -15.97 17.42 -25.71
N SER A 15 -16.81 17.02 -26.65
CA SER A 15 -18.23 16.84 -26.38
CA SER A 15 -18.23 16.87 -26.37
C SER A 15 -18.40 15.77 -25.31
N ALA A 16 -17.66 14.68 -25.46
CA ALA A 16 -17.67 13.58 -24.49
C ALA A 16 -17.30 14.08 -23.09
N VAL A 17 -16.11 14.67 -22.98
CA VAL A 17 -15.61 15.22 -21.73
C VAL A 17 -16.60 16.19 -21.07
N ASP A 18 -17.23 17.04 -21.89
CA ASP A 18 -18.21 18.00 -21.37
C ASP A 18 -19.48 17.29 -20.91
N ASN A 19 -19.71 16.07 -21.40
CA ASN A 19 -20.88 15.31 -20.99
C ASN A 19 -20.63 14.35 -19.81
N PHE A 20 -19.37 14.09 -19.47
CA PHE A 20 -19.01 13.18 -18.36
C PHE A 20 -19.63 13.59 -17.03
N GLY A 21 -19.69 14.89 -16.77
CA GLY A 21 -20.10 15.38 -15.45
C GLY A 21 -19.22 14.86 -14.33
N LEU A 22 -19.85 14.46 -13.23
CA LEU A 22 -19.18 13.83 -12.10
C LEU A 22 -18.89 12.37 -12.46
N GLY A 23 -17.65 11.96 -12.27
CA GLY A 23 -17.25 10.60 -12.60
C GLY A 23 -16.78 9.81 -11.40
N PHE A 24 -16.78 8.49 -11.53
CA PHE A 24 -16.43 7.61 -10.42
C PHE A 24 -15.58 6.46 -10.95
N ASN A 25 -14.53 6.09 -10.21
CA ASN A 25 -13.72 4.88 -10.49
C ASN A 25 -14.22 3.64 -9.71
N LEU A 26 -14.59 2.60 -10.43
CA LEU A 26 -14.95 1.30 -9.83
C LEU A 26 -13.65 0.55 -9.52
N GLY A 27 -12.89 1.10 -8.57
CA GLY A 27 -11.54 0.62 -8.33
C GLY A 27 -11.49 -0.66 -7.48
N ASN A 28 -10.35 -1.33 -7.57
CA ASN A 28 -10.05 -2.56 -6.82
C ASN A 28 -11.08 -3.61 -7.10
N THR A 29 -11.57 -3.62 -8.34
CA THR A 29 -12.63 -4.52 -8.76
C THR A 29 -12.11 -5.37 -9.93
N LEU A 30 -12.39 -5.04 -11.16
CA LEU A 30 -11.83 -5.83 -12.25
C LEU A 30 -10.32 -5.57 -12.42
N ASP A 31 -9.80 -4.56 -11.75
CA ASP A 31 -8.35 -4.34 -11.67
C ASP A 31 -7.65 -5.20 -10.61
N ALA A 32 -8.41 -5.78 -9.70
CA ALA A 32 -7.83 -6.63 -8.65
C ALA A 32 -7.10 -7.81 -9.29
N ASN A 33 -5.98 -8.21 -8.70
CA ASN A 33 -5.12 -9.22 -9.29
C ASN A 33 -4.17 -9.83 -8.27
N GLY A 34 -3.62 -11.00 -8.60
CA GLY A 34 -2.61 -11.61 -7.75
C GLY A 34 -2.98 -13.01 -7.28
N CYS A 35 -4.17 -13.47 -7.65
CA CYS A 35 -4.57 -14.83 -7.25
C CYS A 35 -4.09 -15.89 -8.24
N GLY A 36 -3.38 -15.46 -9.29
CA GLY A 36 -2.88 -16.40 -10.29
C GLY A 36 -3.88 -16.62 -11.42
N THR A 37 -3.50 -17.48 -12.36
CA THR A 37 -4.28 -17.71 -13.56
C THR A 37 -5.30 -18.81 -13.34
N GLY A 38 -6.29 -18.90 -14.22
CA GLY A 38 -7.19 -20.03 -14.25
C GLY A 38 -8.21 -20.11 -13.13
N LYS A 39 -8.36 -19.02 -12.39
CA LYS A 39 -9.37 -18.98 -11.33
C LYS A 39 -10.74 -18.56 -11.87
N PRO A 40 -11.80 -18.86 -11.11
CA PRO A 40 -13.14 -18.38 -11.45
C PRO A 40 -13.14 -16.85 -11.54
N VAL A 41 -13.94 -16.31 -12.45
CA VAL A 41 -14.00 -14.86 -12.65
C VAL A 41 -14.21 -14.13 -11.34
N ALA A 42 -15.18 -14.59 -10.54
CA ALA A 42 -15.53 -13.91 -9.29
C ALA A 42 -14.38 -13.84 -8.30
N THR A 43 -13.43 -14.78 -8.40
CA THR A 43 -12.30 -14.82 -7.49
C THR A 43 -11.42 -13.58 -7.72
N TYR A 44 -11.32 -13.13 -8.97
CA TYR A 44 -10.56 -11.92 -9.25
C TYR A 44 -11.33 -10.70 -8.77
N GLU A 45 -12.62 -10.66 -9.10
CA GLU A 45 -13.41 -9.46 -8.90
C GLU A 45 -13.53 -9.12 -7.41
N THR A 46 -13.53 -10.15 -6.57
CA THR A 46 -13.65 -9.95 -5.13
C THR A 46 -12.32 -10.07 -4.38
N PHE A 47 -11.23 -10.24 -5.11
CA PHE A 47 -9.95 -10.58 -4.48
C PHE A 47 -9.44 -9.45 -3.57
N TRP A 48 -9.86 -8.21 -3.87
CA TRP A 48 -9.42 -7.09 -3.05
C TRP A 48 -10.56 -6.56 -2.17
N GLY A 49 -11.52 -7.43 -1.88
CA GLY A 49 -12.56 -7.11 -0.92
C GLY A 49 -13.82 -6.43 -1.41
N GLN A 50 -13.92 -6.08 -2.70
CA GLN A 50 -15.12 -5.43 -3.21
C GLN A 50 -16.19 -6.46 -3.58
N PRO A 51 -17.47 -6.05 -3.55
CA PRO A 51 -18.48 -7.01 -3.96
C PRO A 51 -18.50 -7.16 -5.47
N GLU A 52 -19.08 -8.25 -5.97
CA GLU A 52 -19.28 -8.38 -7.40
C GLU A 52 -20.19 -7.25 -7.89
N THR A 53 -19.87 -6.70 -9.05
CA THR A 53 -20.58 -5.54 -9.61
C THR A 53 -21.96 -5.95 -10.12
N THR A 54 -22.91 -5.03 -9.99
CA THR A 54 -24.30 -5.29 -10.41
C THR A 54 -24.87 -4.13 -11.21
N GLN A 55 -25.98 -4.36 -11.88
CA GLN A 55 -26.67 -3.31 -12.59
C GLN A 55 -27.08 -2.17 -11.67
N ASP A 56 -27.65 -2.52 -10.52
CA ASP A 56 -28.14 -1.54 -9.55
C ASP A 56 -27.05 -0.53 -9.15
N THR A 59 -26.96 1.98 -12.08
CA THR A 59 -28.19 2.75 -12.02
C THR A 59 -28.12 3.75 -10.87
N PHE A 60 -27.67 3.30 -9.71
CA PHE A 60 -27.46 4.19 -8.57
C PHE A 60 -26.55 5.38 -8.90
N LEU A 61 -25.44 5.14 -9.59
CA LEU A 61 -24.59 6.24 -10.01
C LEU A 61 -25.33 7.28 -10.87
N GLN A 63 -28.61 7.78 -11.23
CA GLN A 63 -29.74 8.36 -10.52
C GLN A 63 -29.32 9.28 -9.39
N ASN A 64 -28.03 9.27 -9.05
CA ASN A 64 -27.54 10.10 -7.96
C ASN A 64 -26.47 11.10 -8.39
N GLY A 65 -26.53 11.51 -9.66
CA GLY A 65 -25.84 12.73 -10.10
C GLY A 65 -24.51 12.55 -10.79
N PHE A 66 -24.19 11.30 -11.13
CA PHE A 66 -22.97 10.98 -11.85
C PHE A 66 -23.31 10.59 -13.28
N ASN A 67 -22.41 10.92 -14.21
CA ASN A 67 -22.69 10.65 -15.61
C ASN A 67 -21.62 9.82 -16.31
N ALA A 68 -20.59 9.43 -15.57
CA ALA A 68 -19.48 8.66 -16.12
C ALA A 68 -18.84 7.73 -15.08
N VAL A 69 -18.41 6.57 -15.53
CA VAL A 69 -17.73 5.61 -14.67
C VAL A 69 -16.47 5.12 -15.37
N ARG A 70 -15.35 5.06 -14.64
CA ARG A 70 -14.15 4.46 -15.20
C ARG A 70 -14.09 3.04 -14.63
N ILE A 71 -13.90 2.06 -15.51
CA ILE A 71 -13.83 0.65 -15.14
C ILE A 71 -12.41 0.15 -15.34
N PRO A 72 -11.57 0.26 -14.30
CA PRO A 72 -10.21 -0.25 -14.43
C PRO A 72 -10.24 -1.78 -14.63
N VAL A 73 -9.45 -2.29 -15.55
CA VAL A 73 -9.38 -3.73 -15.75
C VAL A 73 -7.94 -4.16 -15.84
N THR A 74 -7.58 -5.22 -15.12
CA THR A 74 -6.24 -5.76 -15.18
C THR A 74 -6.33 -7.08 -15.94
N TRP A 75 -5.47 -7.24 -16.94
CA TRP A 75 -5.64 -8.32 -17.92
C TRP A 75 -4.68 -9.50 -17.85
N TYR A 76 -3.49 -9.32 -17.26
CA TYR A 76 -2.46 -10.37 -17.42
C TYR A 76 -2.81 -11.76 -16.93
N GLU A 77 -3.54 -11.88 -15.81
CA GLU A 77 -3.85 -13.23 -15.31
C GLU A 77 -4.94 -13.89 -16.15
N HIS A 78 -5.51 -13.12 -17.09
CA HIS A 78 -6.57 -13.61 -17.98
C HIS A 78 -6.05 -13.87 -19.38
N ASP A 80 -3.44 -16.09 -21.93
CA ASP A 80 -2.55 -17.21 -22.10
C ASP A 80 -1.21 -16.73 -22.65
N ALA A 81 -0.31 -17.68 -22.89
CA ALA A 81 1.03 -17.39 -23.36
C ALA A 81 1.03 -16.64 -24.69
N GLU A 82 -0.02 -16.89 -25.48
CA GLU A 82 -0.16 -16.28 -26.81
C GLU A 82 -0.87 -14.93 -26.75
N GLY A 83 -1.27 -14.49 -25.56
CA GLY A 83 -1.91 -13.18 -25.42
C GLY A 83 -3.41 -13.25 -25.58
N ASN A 84 -3.96 -14.44 -25.78
CA ASN A 84 -5.40 -14.58 -25.89
C ASN A 84 -6.08 -14.35 -24.56
N VAL A 85 -7.13 -13.53 -24.54
CA VAL A 85 -7.87 -13.26 -23.32
C VAL A 85 -8.93 -14.34 -23.08
N ASP A 86 -9.01 -14.88 -21.86
CA ASP A 86 -10.00 -15.93 -21.55
C ASP A 86 -11.36 -15.40 -21.92
N GLU A 87 -12.15 -16.21 -22.59
CA GLU A 87 -13.44 -15.74 -23.05
C GLU A 87 -14.32 -15.32 -21.87
N ALA A 88 -14.26 -16.06 -20.76
CA ALA A 88 -15.11 -15.77 -19.62
C ALA A 88 -14.81 -14.41 -19.02
N TRP A 89 -13.56 -14.00 -19.07
CA TRP A 89 -13.17 -12.72 -18.49
C TRP A 89 -13.68 -11.61 -19.38
N ARG A 92 -17.25 -10.94 -18.87
CA ARG A 92 -17.57 -10.24 -17.63
C ARG A 92 -17.25 -8.74 -17.77
N VAL A 93 -16.16 -8.41 -18.45
CA VAL A 93 -15.87 -7.01 -18.76
C VAL A 93 -17.02 -6.44 -19.59
N LYS A 94 -17.43 -7.21 -20.60
CA LYS A 94 -18.56 -6.85 -21.45
C LYS A 94 -19.86 -6.63 -20.63
N ALA A 95 -20.14 -7.52 -19.69
CA ALA A 95 -21.32 -7.38 -18.85
C ALA A 95 -21.31 -6.12 -17.98
N ILE A 96 -20.15 -5.74 -17.44
CA ILE A 96 -20.10 -4.55 -16.60
C ILE A 96 -20.21 -3.28 -17.46
N VAL A 97 -19.62 -3.30 -18.65
CA VAL A 97 -19.82 -2.23 -19.63
C VAL A 97 -21.29 -2.04 -19.93
N GLU A 98 -21.96 -3.16 -20.17
CA GLU A 98 -23.38 -3.13 -20.51
C GLU A 98 -24.24 -2.59 -19.35
N TYR A 99 -23.89 -2.95 -18.12
CA TYR A 99 -24.48 -2.31 -16.92
C TYR A 99 -24.40 -0.77 -17.06
N ALA A 100 -23.20 -0.26 -17.40
CA ALA A 100 -23.00 1.18 -17.51
C ALA A 100 -23.77 1.79 -18.66
N ASN A 102 -26.50 0.60 -20.12
CA ASN A 102 -27.91 0.55 -19.77
C ASN A 102 -28.33 1.69 -18.84
N ALA A 103 -27.44 2.08 -17.93
CA ALA A 103 -27.76 3.08 -16.94
C ALA A 103 -27.71 4.47 -17.57
N GLY A 104 -27.14 4.54 -18.77
CA GLY A 104 -27.05 5.79 -19.53
C GLY A 104 -25.69 6.47 -19.36
N LEU A 105 -24.80 5.84 -18.60
CA LEU A 105 -23.50 6.46 -18.26
C LEU A 105 -22.52 6.47 -19.43
N TYR A 106 -21.57 7.38 -19.43
CA TYR A 106 -20.33 7.14 -20.16
C TYR A 106 -19.50 6.15 -19.37
N ALA A 107 -18.70 5.37 -20.06
CA ALA A 107 -17.84 4.40 -19.39
C ALA A 107 -16.49 4.37 -20.08
N ILE A 108 -15.44 4.20 -19.28
CA ILE A 108 -14.09 4.02 -19.78
C ILE A 108 -13.55 2.65 -19.38
N VAL A 109 -13.06 1.89 -20.34
CA VAL A 109 -12.38 0.62 -20.03
C VAL A 109 -10.90 0.77 -20.34
N ASN A 110 -10.04 0.33 -19.42
CA ASN A 110 -8.61 0.50 -19.62
C ASN A 110 -7.82 -0.80 -19.49
N VAL A 111 -6.50 -0.62 -19.49
CA VAL A 111 -5.52 -1.65 -19.17
C VAL A 111 -4.76 -1.13 -17.94
N HIS A 112 -5.00 -1.77 -16.79
CA HIS A 112 -4.72 -1.16 -15.50
C HIS A 112 -3.44 -1.67 -14.83
N HIS A 113 -3.51 -2.71 -13.98
CA HIS A 113 -2.29 -3.12 -13.26
C HIS A 113 -1.34 -3.98 -14.09
N ASP A 114 -1.62 -4.05 -15.40
CA ASP A 114 -0.62 -4.44 -16.36
C ASP A 114 0.50 -3.41 -16.45
N THR A 115 0.25 -2.22 -15.91
CA THR A 115 1.26 -1.18 -15.75
C THR A 115 1.57 -0.97 -14.27
N ALA A 116 2.73 -0.36 -14.03
CA ALA A 116 3.11 0.29 -12.77
C ALA A 116 3.90 -0.66 -11.87
N ALA A 117 3.67 -0.58 -10.56
CA ALA A 117 4.64 -1.14 -9.61
C ALA A 117 4.26 -2.51 -9.04
N GLY A 118 3.09 -3.02 -9.43
CA GLY A 118 2.66 -4.31 -8.90
C GLY A 118 3.38 -5.47 -9.56
N SER A 119 3.36 -6.63 -8.91
CA SER A 119 3.97 -7.79 -9.53
C SER A 119 3.13 -8.14 -10.75
N GLY A 120 3.73 -8.66 -11.79
CA GLY A 120 2.93 -8.96 -12.95
C GLY A 120 2.79 -7.82 -13.96
N ALA A 121 3.04 -6.57 -13.56
CA ALA A 121 3.03 -5.51 -14.59
C ALA A 121 4.04 -5.85 -15.68
N TRP A 122 3.64 -5.66 -16.94
CA TRP A 122 4.44 -6.06 -18.09
C TRP A 122 4.58 -4.95 -19.14
N ILE A 123 3.79 -3.90 -18.99
CA ILE A 123 3.82 -2.75 -19.91
C ILE A 123 4.60 -1.66 -19.22
N LYS A 124 5.78 -1.34 -19.73
CA LYS A 124 6.70 -0.43 -19.03
C LYS A 124 7.37 0.58 -19.96
N ALA A 125 7.61 1.77 -19.43
CA ALA A 125 8.29 2.84 -20.16
C ALA A 125 9.77 2.54 -20.23
N ASP A 126 10.09 1.53 -21.03
CA ASP A 126 11.43 0.98 -21.15
C ASP A 126 11.53 0.43 -22.57
N THR A 127 12.56 0.84 -23.32
CA THR A 127 12.59 0.47 -24.73
C THR A 127 12.81 -1.02 -25.02
N ASP A 128 13.54 -1.72 -24.16
CA ASP A 128 13.64 -3.18 -24.31
C ASP A 128 12.26 -3.82 -24.06
N VAL A 129 11.59 -3.39 -23.00
CA VAL A 129 10.28 -3.94 -22.67
C VAL A 129 9.29 -3.66 -23.80
N TYR A 130 9.33 -2.44 -24.36
CA TYR A 130 8.40 -2.08 -25.42
C TYR A 130 8.60 -3.04 -26.62
N ALA A 131 9.84 -3.23 -27.03
CA ALA A 131 10.12 -4.08 -28.17
C ALA A 131 9.65 -5.52 -27.98
N ALA A 132 9.79 -6.02 -26.76
CA ALA A 132 9.43 -7.39 -26.41
C ALA A 132 7.93 -7.63 -26.25
N THR A 133 7.18 -6.56 -25.98
CA THR A 133 5.76 -6.65 -25.65
C THR A 133 4.80 -5.94 -26.60
N LYS A 134 5.31 -5.19 -27.58
CA LYS A 134 4.42 -4.38 -28.40
C LYS A 134 3.40 -5.21 -29.17
N GLU A 135 3.80 -6.37 -29.69
CA GLU A 135 2.87 -7.18 -30.46
C GLU A 135 1.79 -7.78 -29.55
N LYS A 136 2.18 -8.18 -28.34
CA LYS A 136 1.21 -8.66 -27.34
C LYS A 136 0.24 -7.56 -26.91
N PHE A 137 0.77 -6.35 -26.73
CA PHE A 137 -0.08 -5.20 -26.42
C PHE A 137 -1.08 -4.90 -27.54
N LYS A 138 -0.64 -4.93 -28.79
CA LYS A 138 -1.56 -4.67 -29.91
C LYS A 138 -2.58 -5.78 -30.05
N LYS A 139 -2.19 -7.01 -29.75
CA LYS A 139 -3.11 -8.14 -29.82
C LYS A 139 -4.16 -8.04 -28.70
N LEU A 140 -3.73 -7.61 -27.52
CA LEU A 140 -4.65 -7.35 -26.42
C LEU A 140 -5.69 -6.29 -26.83
N TRP A 141 -5.23 -5.13 -27.27
CA TRP A 141 -6.16 -4.11 -27.74
C TRP A 141 -7.10 -4.49 -28.91
N THR A 142 -6.60 -5.26 -29.85
CA THR A 142 -7.44 -5.77 -30.91
C THR A 142 -8.62 -6.58 -30.35
N GLN A 143 -8.32 -7.46 -29.40
CA GLN A 143 -9.37 -8.29 -28.79
C GLN A 143 -10.35 -7.45 -28.02
N ILE A 144 -9.83 -6.50 -27.24
CA ILE A 144 -10.70 -5.61 -26.47
C ILE A 144 -11.57 -4.80 -27.46
N ALA A 145 -10.95 -4.23 -28.48
CA ALA A 145 -11.70 -3.40 -29.41
C ALA A 145 -12.76 -4.22 -30.14
N ASN A 146 -12.40 -5.42 -30.57
CA ASN A 146 -13.33 -6.29 -31.27
C ASN A 146 -14.49 -6.70 -30.36
N ALA A 147 -14.17 -7.10 -29.13
CA ALA A 147 -15.21 -7.47 -28.18
C ALA A 147 -16.18 -6.35 -27.83
N LEU A 148 -15.68 -5.12 -27.77
CA LEU A 148 -16.49 -3.98 -27.33
C LEU A 148 -16.92 -3.09 -28.49
N ALA A 149 -16.75 -3.57 -29.73
CA ALA A 149 -16.92 -2.78 -30.95
C ALA A 149 -18.30 -2.17 -31.13
N ASP A 150 -19.33 -2.90 -30.70
CA ASP A 150 -20.72 -2.54 -31.02
C ASP A 150 -21.38 -1.58 -30.02
N TYR A 151 -20.67 -1.23 -28.95
CA TYR A 151 -21.19 -0.25 -28.00
C TYR A 151 -21.09 1.14 -28.59
N ASP A 152 -22.00 2.02 -28.19
CA ASP A 152 -22.08 3.34 -28.78
C ASP A 152 -21.01 4.28 -28.24
N GLN A 153 -21.15 5.56 -28.57
CA GLN A 153 -20.14 6.56 -28.27
C GLN A 153 -19.97 6.81 -26.78
N HIS A 154 -20.89 6.28 -25.97
CA HIS A 154 -20.73 6.37 -24.51
C HIS A 154 -19.56 5.53 -23.95
N LEU A 155 -19.03 4.61 -24.76
CA LEU A 155 -17.89 3.80 -24.34
C LEU A 155 -16.61 4.33 -24.95
N LEU A 156 -15.64 4.62 -24.09
CA LEU A 156 -14.29 5.02 -24.49
C LEU A 156 -13.29 3.98 -24.06
N PHE A 157 -12.18 3.91 -24.78
CA PHE A 157 -11.06 3.03 -24.41
C PHE A 157 -9.88 3.87 -23.92
N GLU A 158 -9.22 3.38 -22.86
CA GLU A 158 -8.01 4.00 -22.32
C GLU A 158 -6.84 3.02 -22.46
N GLY A 159 -5.82 3.41 -23.23
CA GLY A 159 -4.73 2.49 -23.59
C GLY A 159 -3.99 1.82 -22.46
N TYR A 160 -3.64 2.58 -21.41
CA TYR A 160 -2.80 2.05 -20.33
C TYR A 160 -2.92 3.02 -19.16
N ASN A 161 -2.74 2.52 -17.94
CA ASN A 161 -2.99 3.33 -16.73
C ASN A 161 -1.85 4.25 -16.25
N GLU A 162 -0.88 3.66 -15.54
CA GLU A 162 0.21 4.42 -14.93
C GLU A 162 1.51 3.75 -15.33
N LEU A 164 5.22 3.15 -15.87
CA LEU A 164 6.50 3.53 -15.25
C LEU A 164 7.66 2.86 -15.95
N ASP A 165 8.89 3.33 -15.68
CA ASP A 165 10.08 2.65 -16.18
C ASP A 165 10.35 1.37 -15.38
N GLY A 166 11.45 0.69 -15.70
CA GLY A 166 11.75 -0.58 -15.06
C GLY A 166 12.01 -0.51 -13.57
N ASN A 167 12.33 0.69 -13.08
CA ASN A 167 12.58 0.89 -11.67
C ASN A 167 11.40 1.51 -10.92
N ASN A 168 10.24 1.53 -11.56
CA ASN A 168 9.04 2.06 -10.93
C ASN A 168 9.16 3.51 -10.46
N SER A 169 9.85 4.34 -11.26
CA SER A 169 10.07 5.72 -10.88
C SER A 169 8.78 6.51 -11.03
N TRP A 170 8.30 7.12 -9.96
CA TRP A 170 6.97 7.77 -9.99
C TRP A 170 6.90 9.19 -10.54
N ASP A 171 7.99 9.93 -10.55
CA ASP A 171 7.94 11.33 -11.01
C ASP A 171 8.21 11.42 -12.53
N GLU A 172 9.25 10.72 -12.95
CA GLU A 172 9.69 10.77 -14.34
C GLU A 172 10.60 9.55 -14.52
N PRO A 173 10.77 9.09 -15.77
CA PRO A 173 11.67 7.95 -15.98
C PRO A 173 13.12 8.35 -15.72
N GLN A 174 13.91 7.40 -15.25
CA GLN A 174 15.31 7.72 -14.99
C GLN A 174 16.07 7.97 -16.28
N LYS A 175 15.70 7.26 -17.34
CA LYS A 175 16.31 7.46 -18.65
C LYS A 175 15.27 8.15 -19.53
N ALA A 176 15.66 9.20 -20.25
CA ALA A 176 14.73 9.90 -21.15
C ALA A 176 14.16 8.99 -22.24
N SER A 177 14.89 7.92 -22.57
CA SER A 177 14.41 6.95 -23.55
C SER A 177 13.09 6.30 -23.14
N GLY A 178 12.80 6.27 -21.84
CA GLY A 178 11.53 5.74 -21.38
C GLY A 178 10.33 6.40 -22.04
N TYR A 179 10.47 7.68 -22.37
CA TYR A 179 9.38 8.39 -23.04
C TYR A 179 9.11 7.85 -24.45
N GLU A 180 10.15 7.37 -25.15
CA GLU A 180 9.95 6.79 -26.48
C GLU A 180 9.05 5.57 -26.40
N ALA A 181 9.33 4.74 -25.39
CA ALA A 181 8.53 3.53 -25.21
C ALA A 181 7.08 3.91 -24.96
N LEU A 182 6.84 4.83 -24.04
CA LEU A 182 5.48 5.26 -23.75
C LEU A 182 4.81 5.82 -25.00
N ASN A 183 5.49 6.71 -25.70
CA ASN A 183 4.88 7.34 -26.87
C ASN A 183 4.57 6.29 -27.96
N ASN A 184 5.45 5.31 -28.10
CA ASN A 184 5.19 4.25 -29.07
C ASN A 184 4.01 3.35 -28.68
N TYR A 185 3.86 3.02 -27.39
CA TYR A 185 2.71 2.24 -26.97
C TYR A 185 1.41 3.00 -27.25
N ALA A 186 1.41 4.30 -26.97
CA ALA A 186 0.25 5.15 -27.18
C ALA A 186 -0.16 5.11 -28.66
N GLN A 187 0.83 5.19 -29.54
CA GLN A 187 0.55 5.12 -30.97
C GLN A 187 0.01 3.74 -31.37
N ASP A 188 0.60 2.69 -30.83
CA ASP A 188 0.16 1.35 -31.11
C ASP A 188 -1.29 1.09 -30.64
N PHE A 189 -1.63 1.63 -29.48
CA PHE A 189 -2.99 1.53 -28.94
C PHE A 189 -3.98 2.13 -29.94
N VAL A 190 -3.74 3.38 -30.33
CA VAL A 190 -4.59 4.04 -31.29
C VAL A 190 -4.64 3.26 -32.60
N ASP A 191 -3.47 2.84 -33.10
CA ASP A 191 -3.47 2.09 -34.37
C ASP A 191 -4.29 0.81 -34.29
N ALA A 192 -4.10 0.06 -33.19
CA ALA A 192 -4.75 -1.23 -33.06
C ALA A 192 -6.27 -1.11 -33.00
N VAL A 193 -6.75 -0.16 -32.22
CA VAL A 193 -8.16 0.13 -32.11
C VAL A 193 -8.76 0.61 -33.45
N ARG A 194 -8.12 1.58 -34.10
CA ARG A 194 -8.66 2.13 -35.36
C ARG A 194 -8.72 1.06 -36.44
N ALA A 195 -7.78 0.12 -36.39
CA ALA A 195 -7.71 -0.87 -37.46
C ALA A 195 -8.93 -1.80 -37.44
N THR A 196 -9.63 -1.88 -36.32
CA THR A 196 -10.82 -2.74 -36.24
C THR A 196 -12.06 -2.11 -36.89
N GLY A 197 -12.00 -0.81 -37.18
CA GLY A 197 -13.06 -0.15 -37.94
C GLY A 197 -14.40 -0.08 -37.24
N GLY A 198 -15.49 0.03 -38.00
CA GLY A 198 -16.81 0.15 -37.39
C GLY A 198 -16.87 1.39 -36.52
N ASN A 199 -17.52 1.29 -35.35
CA ASN A 199 -17.54 2.39 -34.41
C ASN A 199 -16.14 2.76 -33.91
N ASN A 200 -15.25 1.79 -33.87
CA ASN A 200 -13.89 2.03 -33.38
C ASN A 200 -13.06 2.90 -34.31
N ALA A 201 -13.55 3.13 -35.52
CA ALA A 201 -12.90 4.07 -36.43
C ALA A 201 -12.94 5.49 -35.87
N THR A 202 -13.96 5.80 -35.08
CA THR A 202 -14.15 7.15 -34.58
C THR A 202 -14.40 7.24 -33.08
N ARG A 203 -14.37 6.10 -32.39
CA ARG A 203 -14.58 6.11 -30.94
C ARG A 203 -13.57 7.03 -30.27
N ASN A 204 -13.99 7.69 -29.20
CA ASN A 204 -13.07 8.52 -28.45
C ASN A 204 -12.12 7.67 -27.60
N LEU A 205 -10.83 7.97 -27.68
CA LEU A 205 -9.80 7.16 -27.01
C LEU A 205 -8.99 8.03 -26.09
N ILE A 206 -8.43 7.42 -25.03
CA ILE A 206 -7.75 8.18 -24.01
C ILE A 206 -6.32 7.66 -23.87
N VAL A 207 -5.35 8.55 -23.98
CA VAL A 207 -3.94 8.26 -23.73
C VAL A 207 -3.39 8.97 -22.50
N ASN A 208 -2.59 8.25 -21.70
CA ASN A 208 -2.14 8.81 -20.43
C ASN A 208 -0.66 9.24 -20.49
N THR A 209 -0.28 10.20 -19.66
CA THR A 209 1.09 10.63 -19.58
C THR A 209 1.91 9.58 -18.78
N TYR A 210 3.24 9.73 -18.77
CA TYR A 210 4.11 8.87 -17.92
C TYR A 210 3.59 8.94 -16.49
N ALA A 211 3.34 7.77 -15.87
CA ALA A 211 2.85 7.69 -14.48
C ALA A 211 1.51 8.38 -14.24
N ALA A 212 0.84 8.82 -15.32
CA ALA A 212 -0.29 9.73 -15.19
C ALA A 212 0.07 10.96 -14.39
N ALA A 213 1.35 11.34 -14.44
CA ALA A 213 1.86 12.55 -13.80
C ALA A 213 1.76 13.78 -14.72
N LYS A 214 2.11 14.95 -14.19
CA LYS A 214 1.96 16.18 -14.96
C LYS A 214 3.03 17.20 -14.65
N GLY A 215 4.20 16.72 -14.27
CA GLY A 215 5.34 17.62 -14.06
C GLY A 215 5.81 18.12 -15.41
N GLU A 216 6.69 19.11 -15.41
CA GLU A 216 7.14 19.79 -16.61
C GLU A 216 7.77 18.84 -17.62
N ASN A 217 8.69 18.00 -17.14
CA ASN A 217 9.36 17.07 -18.05
C ASN A 217 8.42 16.03 -18.63
N VAL A 218 7.54 15.50 -17.80
CA VAL A 218 6.57 14.50 -18.24
C VAL A 218 5.65 15.08 -19.35
N LEU A 219 5.12 16.29 -19.13
CA LEU A 219 4.29 16.92 -20.17
C LEU A 219 5.09 17.30 -21.44
N ASN A 220 6.30 17.79 -21.27
CA ASN A 220 7.12 18.17 -22.43
C ASN A 220 7.48 16.99 -23.32
N ASN A 221 7.54 15.80 -22.74
CA ASN A 221 8.02 14.64 -23.49
C ASN A 221 6.89 13.71 -23.85
N PHE A 222 5.68 14.15 -23.61
CA PHE A 222 4.50 13.43 -24.10
C PHE A 222 4.18 13.78 -25.56
N LEU A 224 1.40 13.16 -28.46
CA LEU A 224 0.07 12.68 -28.80
C LEU A 224 0.20 11.82 -30.06
N PRO A 225 -0.43 10.62 -30.07
CA PRO A 225 -0.46 9.80 -31.27
C PRO A 225 -1.07 10.48 -32.48
N THR A 226 -0.61 10.09 -33.66
CA THR A 226 -1.24 10.53 -34.89
C THR A 226 -2.49 9.69 -35.11
N ASP A 227 -3.59 10.36 -35.43
CA ASP A 227 -4.87 9.70 -35.60
C ASP A 227 -5.40 10.09 -36.98
N ALA A 228 -5.96 9.12 -37.71
CA ALA A 228 -6.50 9.32 -39.06
C ALA A 228 -7.78 10.14 -39.07
N VAL A 229 -8.44 10.21 -37.91
CA VAL A 229 -9.63 11.04 -37.76
C VAL A 229 -9.34 12.17 -36.77
N ASN A 230 -10.10 13.25 -36.83
CA ASN A 230 -9.83 14.39 -35.96
C ASN A 230 -10.71 14.42 -34.72
N ASN A 231 -10.22 15.04 -33.64
CA ASN A 231 -11.02 15.36 -32.46
C ASN A 231 -11.55 14.13 -31.73
N HIS A 232 -10.78 13.06 -31.76
CA HIS A 232 -11.17 11.82 -31.08
C HIS A 232 -10.11 11.27 -30.09
N LEU A 233 -9.21 12.14 -29.60
CA LEU A 233 -8.27 11.75 -28.55
C LEU A 233 -8.40 12.68 -27.34
N ILE A 234 -8.28 12.08 -26.16
CA ILE A 234 -8.29 12.75 -24.86
C ILE A 234 -7.00 12.36 -24.13
N VAL A 235 -6.35 13.30 -23.44
CA VAL A 235 -5.21 12.93 -22.59
C VAL A 235 -5.67 12.83 -21.14
N GLN A 236 -5.11 11.87 -20.42
CA GLN A 236 -5.48 11.66 -19.01
C GLN A 236 -4.30 11.76 -18.06
N VAL A 237 -4.52 12.46 -16.94
CA VAL A 237 -3.58 12.46 -15.82
C VAL A 237 -4.35 12.15 -14.52
N HIS A 238 -3.60 11.84 -13.46
CA HIS A 238 -4.18 11.61 -12.14
C HIS A 238 -3.69 12.64 -11.16
N SER A 239 -4.46 12.91 -10.12
CA SER A 239 -4.06 13.90 -9.15
C SER A 239 -4.42 13.53 -7.72
N TYR A 240 -3.39 13.31 -6.90
CA TYR A 240 -3.57 13.18 -5.46
C TYR A 240 -2.78 14.27 -4.73
N ASP A 241 -2.73 15.44 -5.35
CA ASP A 241 -1.89 16.56 -4.87
C ASP A 241 -2.64 17.49 -3.93
N PRO A 242 -1.91 18.14 -3.00
CA PRO A 242 -0.48 17.95 -2.72
C PRO A 242 -0.28 16.55 -2.13
N TRP A 243 0.76 15.86 -2.58
CA TRP A 243 1.02 14.48 -2.12
C TRP A 243 0.93 14.37 -0.60
N ASN A 244 0.10 13.44 -0.15
CA ASN A 244 0.00 13.07 1.27
C ASN A 244 -0.73 14.10 2.12
N PHE A 245 -1.47 15.00 1.49
CA PHE A 245 -2.16 16.06 2.23
C PHE A 245 -3.12 15.49 3.26
N PHE A 246 -3.71 14.32 2.97
CA PHE A 246 -4.68 13.72 3.88
C PHE A 246 -4.09 13.48 5.28
N ASN A 247 -2.79 13.21 5.30
CA ASN A 247 -2.08 12.95 6.56
C ASN A 247 -1.38 14.16 7.14
N THR A 248 -1.22 15.23 6.34
CA THR A 248 -0.46 16.39 6.85
C THR A 248 -1.27 17.70 6.99
N LYS A 249 -2.44 17.77 6.38
CA LYS A 249 -3.25 19.01 6.38
C LYS A 249 -4.44 18.88 7.32
N THR A 250 -4.76 19.96 8.01
CA THR A 250 -5.98 20.02 8.79
C THR A 250 -7.18 20.39 7.92
N THR A 251 -6.99 21.38 7.06
CA THR A 251 -8.06 21.80 6.17
C THR A 251 -7.55 21.91 4.74
N TRP A 252 -8.47 21.84 3.79
CA TRP A 252 -8.14 22.06 2.38
C TRP A 252 -7.87 23.55 2.19
N ASP A 253 -6.61 23.93 2.31
CA ASP A 253 -6.27 25.32 2.59
C ASP A 253 -5.75 26.00 1.33
N SER A 254 -5.23 27.22 1.48
CA SER A 254 -4.76 27.99 0.32
CA SER A 254 -4.76 27.99 0.32
C SER A 254 -3.65 27.27 -0.43
N GLU A 255 -2.73 26.65 0.31
CA GLU A 255 -1.68 25.88 -0.36
C GLU A 255 -2.29 24.77 -1.21
N CYS A 256 -3.27 24.08 -0.67
CA CYS A 256 -3.90 22.99 -1.38
C CYS A 256 -4.57 23.51 -2.64
N HIS A 257 -5.35 24.57 -2.49
CA HIS A 257 -6.08 25.14 -3.60
C HIS A 257 -5.15 25.65 -4.69
N ASN A 258 -4.13 26.40 -4.28
CA ASN A 258 -3.15 26.90 -5.23
C ASN A 258 -2.42 25.77 -5.94
N THR A 259 -2.17 24.67 -5.23
CA THR A 259 -1.58 23.50 -5.86
C THR A 259 -2.45 23.01 -7.04
N LEU A 260 -3.76 22.91 -6.84
CA LEU A 260 -4.65 22.47 -7.92
C LEU A 260 -4.80 23.50 -9.06
N THR A 261 -4.92 24.77 -8.71
CA THR A 261 -5.13 25.74 -9.79
C THR A 261 -3.92 25.75 -10.71
N GLU A 262 -2.73 25.59 -10.12
CA GLU A 262 -1.52 25.52 -10.92
C GLU A 262 -1.45 24.30 -11.82
N ILE A 263 -1.97 23.16 -11.33
CA ILE A 263 -2.10 21.95 -12.14
C ILE A 263 -3.01 22.20 -13.36
N PHE A 264 -4.20 22.75 -13.14
CA PHE A 264 -5.13 22.98 -14.27
C PHE A 264 -4.57 24.03 -15.22
N SER A 265 -3.89 25.04 -14.68
CA SER A 265 -3.27 26.06 -15.52
CA SER A 265 -3.30 26.05 -15.55
C SER A 265 -2.24 25.41 -16.45
N ALA A 266 -1.41 24.54 -15.85
CA ALA A 266 -0.34 23.85 -16.60
C ALA A 266 -0.92 22.93 -17.68
N LEU A 267 -1.99 22.23 -17.34
CA LEU A 267 -2.63 21.30 -18.28
C LEU A 267 -3.29 22.03 -19.43
N SER A 268 -4.04 23.09 -19.12
CA SER A 268 -4.70 23.89 -20.16
C SER A 268 -3.70 24.57 -21.08
N LYS A 269 -2.57 25.00 -20.53
CA LYS A 269 -1.56 25.67 -21.32
C LYS A 269 -0.90 24.69 -22.26
N LYS A 270 -0.67 23.47 -21.78
CA LYS A 270 -0.02 22.44 -22.58
C LYS A 270 -0.97 21.90 -23.65
N PHE A 271 -2.17 21.54 -23.24
CA PHE A 271 -3.10 20.85 -24.13
C PHE A 271 -4.12 21.77 -24.79
N THR A 272 -3.68 22.47 -25.84
CA THR A 272 -4.48 23.48 -26.50
C THR A 272 -5.31 22.93 -27.66
N THR A 273 -5.10 21.67 -28.05
CA THR A 273 -5.78 21.13 -29.24
C THR A 273 -6.62 19.89 -28.90
N ILE A 274 -6.59 19.48 -27.63
CA ILE A 274 -7.33 18.30 -27.16
C ILE A 274 -7.85 18.51 -25.74
N PRO A 275 -8.97 17.85 -25.38
CA PRO A 275 -9.39 17.87 -23.98
C PRO A 275 -8.52 16.96 -23.10
N TYR A 276 -8.46 17.26 -21.81
CA TYR A 276 -7.81 16.36 -20.87
C TYR A 276 -8.76 16.06 -19.73
N ILE A 277 -8.54 14.92 -19.06
CA ILE A 277 -9.33 14.56 -17.89
C ILE A 277 -8.43 14.22 -16.69
N ILE A 278 -9.00 14.38 -15.48
CA ILE A 278 -8.42 13.93 -14.24
C ILE A 278 -9.04 12.57 -13.96
N GLY A 279 -8.32 11.52 -14.37
CA GLY A 279 -8.93 10.21 -14.41
C GLY A 279 -9.01 9.56 -13.05
N GLU A 280 -8.20 10.06 -12.11
CA GLU A 280 -8.33 9.65 -10.71
C GLU A 280 -7.98 10.82 -9.83
N TYR A 281 -8.67 10.93 -8.70
CA TYR A 281 -8.26 11.83 -7.63
C TYR A 281 -8.90 11.31 -6.35
N GLY A 282 -8.34 11.73 -5.21
CA GLY A 282 -8.83 11.31 -3.91
C GLY A 282 -7.83 11.66 -2.83
N THR A 283 -8.03 11.11 -1.63
CA THR A 283 -7.21 11.43 -0.46
C THR A 283 -6.02 10.48 -0.26
N HIS A 284 -5.92 9.50 -1.15
CA HIS A 284 -4.91 8.43 -1.04
C HIS A 284 -3.51 9.04 -1.06
N GLY A 285 -2.76 8.80 -0.01
CA GLY A 285 -1.42 9.35 0.12
C GLY A 285 -0.42 8.26 0.51
N GLU A 286 0.50 8.58 1.42
CA GLU A 286 1.55 7.64 1.77
C GLU A 286 0.93 6.28 2.14
N SER A 287 1.51 5.23 1.57
CA SER A 287 1.04 3.85 1.80
C SER A 287 -0.44 3.65 1.48
N ASP A 288 -0.96 4.43 0.53
CA ASP A 288 -2.39 4.42 0.15
C ASP A 288 -3.35 4.73 1.31
N ILE A 289 -2.83 5.29 2.40
CA ILE A 289 -3.70 5.71 3.50
C ILE A 289 -4.69 6.76 2.98
N SER A 290 -5.96 6.58 3.31
CA SER A 290 -7.01 7.44 2.76
C SER A 290 -8.21 7.55 3.69
N VAL A 291 -9.19 8.37 3.31
CA VAL A 291 -10.34 8.65 4.14
C VAL A 291 -11.27 7.47 4.16
N SER A 292 -11.99 7.31 5.27
CA SER A 292 -13.10 6.38 5.29
C SER A 292 -14.20 6.99 6.11
N LYS A 293 -15.36 6.35 6.11
CA LYS A 293 -16.49 6.88 6.85
C LYS A 293 -16.30 6.81 8.38
N SER A 294 -15.26 6.10 8.85
CA SER A 294 -14.88 6.19 10.27
C SER A 294 -13.72 7.17 10.57
N SER A 295 -13.29 7.95 9.58
CA SER A 295 -12.34 9.04 9.83
C SER A 295 -12.99 10.12 10.67
N PRO A 296 -12.18 10.92 11.38
CA PRO A 296 -12.76 12.03 12.13
C PRO A 296 -13.51 12.98 11.20
N ALA A 297 -14.52 13.66 11.74
CA ALA A 297 -15.36 14.56 10.98
C ALA A 297 -14.53 15.56 10.22
N GLU A 298 -13.49 16.08 10.86
CA GLU A 298 -12.58 17.03 10.22
C GLU A 298 -11.88 16.49 8.99
N LYS A 299 -11.54 15.22 9.00
CA LYS A 299 -10.82 14.62 7.89
C LYS A 299 -11.78 14.33 6.77
N ILE A 300 -13.02 13.97 7.13
CA ILE A 300 -14.04 13.83 6.09
C ILE A 300 -14.34 15.19 5.43
N LYS A 301 -14.35 16.27 6.20
CA LYS A 301 -14.51 17.62 5.62
CA LYS A 301 -14.52 17.60 5.60
C LYS A 301 -13.36 17.92 4.65
N LEU A 302 -12.15 17.50 5.01
CA LEU A 302 -10.98 17.71 4.17
C LEU A 302 -11.19 17.02 2.81
N ALA A 303 -11.67 15.78 2.85
CA ALA A 303 -12.00 15.05 1.63
C ALA A 303 -13.09 15.76 0.81
N ALA A 304 -14.11 16.25 1.51
CA ALA A 304 -15.22 16.94 0.86
C ALA A 304 -14.71 18.19 0.16
N ASP A 305 -13.88 18.96 0.87
CA ASP A 305 -13.36 20.22 0.30
C ASP A 305 -12.43 20.00 -0.90
N GLN A 306 -11.57 18.99 -0.83
CA GLN A 306 -10.72 18.66 -2.00
C GLN A 306 -11.59 18.36 -3.21
N ALA A 307 -12.61 17.53 -2.98
CA ALA A 307 -13.44 17.07 -4.08
C ALA A 307 -14.27 18.21 -4.72
N ALA A 308 -14.81 19.10 -3.88
CA ALA A 308 -15.53 20.30 -4.40
C ALA A 308 -14.62 21.16 -5.24
N ASP A 309 -13.38 21.32 -4.82
CA ASP A 309 -12.46 22.20 -5.54
C ASP A 309 -12.12 21.55 -6.89
N VAL A 311 -13.72 19.34 -8.68
CA VAL A 311 -14.85 19.30 -9.60
C VAL A 311 -15.10 20.67 -10.26
N LYS A 312 -15.02 21.74 -9.48
CA LYS A 312 -15.30 23.07 -10.02
C LYS A 312 -14.18 23.50 -10.96
N LEU A 313 -12.95 23.33 -10.51
CA LEU A 313 -11.80 23.69 -11.35
C LEU A 313 -11.83 22.92 -12.68
N ALA A 314 -12.17 21.64 -12.64
CA ALA A 314 -12.21 20.85 -13.86
C ALA A 314 -13.31 21.36 -14.79
N LYS A 315 -14.49 21.64 -14.25
CA LYS A 315 -15.57 22.22 -15.03
CA LYS A 315 -15.57 22.22 -15.03
C LYS A 315 -15.14 23.53 -15.68
N ASP A 316 -14.53 24.42 -14.89
CA ASP A 316 -14.06 25.71 -15.42
C ASP A 316 -13.07 25.56 -16.58
N HIS A 317 -12.28 24.48 -16.52
CA HIS A 317 -11.25 24.19 -17.52
C HIS A 317 -11.69 23.24 -18.60
N HIS A 318 -13.01 23.05 -18.71
CA HIS A 318 -13.54 22.14 -19.74
C HIS A 318 -12.90 20.78 -19.68
N SER A 319 -12.75 20.28 -18.45
CA SER A 319 -12.18 18.98 -18.19
C SER A 319 -13.25 18.14 -17.46
N ALA A 320 -12.85 17.02 -16.85
CA ALA A 320 -13.78 16.17 -16.09
C ALA A 320 -12.96 15.31 -15.18
N THR A 321 -13.58 14.76 -14.13
CA THR A 321 -12.87 14.11 -13.05
C THR A 321 -13.54 12.80 -12.66
N PHE A 322 -12.75 11.86 -12.14
CA PHE A 322 -13.26 10.57 -11.70
C PHE A 322 -12.73 10.28 -10.28
N TYR A 323 -13.63 10.18 -9.30
CA TYR A 323 -13.25 9.94 -7.92
C TYR A 323 -12.67 8.52 -7.77
N TRP A 324 -11.51 8.39 -7.11
CA TRP A 324 -11.00 7.04 -6.82
C TRP A 324 -11.66 6.41 -5.59
N SER A 326 -13.48 6.02 -2.86
CA SER A 326 -13.83 6.17 -1.45
C SER A 326 -15.30 6.50 -1.24
N ILE A 327 -15.91 7.20 -2.21
CA ILE A 327 -17.28 7.67 -2.03
C ILE A 327 -18.32 6.57 -2.13
N PHE A 328 -17.95 5.42 -2.68
CA PHE A 328 -18.95 4.38 -3.01
C PHE A 328 -18.23 3.03 -2.91
N ASP A 329 -18.09 2.54 -1.69
CA ASP A 329 -17.11 1.51 -1.39
C ASP A 329 -17.63 0.29 -0.64
N GLY A 330 -17.07 -0.86 -0.96
CA GLY A 330 -17.32 -2.09 -0.23
C GLY A 330 -18.80 -2.43 -0.11
N SER A 331 -19.24 -2.71 1.11
CA SER A 331 -20.63 -3.12 1.36
C SER A 331 -21.67 -2.06 1.02
N ASP A 332 -21.26 -0.80 0.97
CA ASP A 332 -22.19 0.25 0.57
C ASP A 332 -22.64 0.10 -0.87
N ARG A 333 -21.78 -0.49 -1.70
CA ARG A 333 -22.12 -0.67 -3.11
C ARG A 333 -23.32 -1.62 -3.27
N ILE A 334 -23.48 -2.59 -2.39
CA ILE A 334 -24.57 -3.53 -2.62
C ILE A 334 -25.91 -3.06 -2.07
N GLN A 335 -25.92 -1.99 -1.28
CA GLN A 335 -27.19 -1.49 -0.77
C GLN A 335 -28.16 -1.08 -1.88
N PRO A 336 -27.79 -0.13 -2.76
CA PRO A 336 -26.56 0.68 -2.84
C PRO A 336 -26.75 2.00 -2.11
N GLN A 337 -25.65 2.58 -1.63
CA GLN A 337 -25.70 3.85 -0.92
C GLN A 337 -24.30 4.45 -0.93
N TRP A 338 -24.21 5.77 -0.76
CA TRP A 338 -22.90 6.39 -0.69
C TRP A 338 -22.20 5.99 0.60
N SER A 339 -20.89 5.79 0.52
CA SER A 339 -20.08 5.61 1.70
C SER A 339 -19.81 6.96 2.34
N LEU A 340 -19.69 8.00 1.51
CA LEU A 340 -19.31 9.33 1.99
C LEU A 340 -20.24 10.39 1.43
N PRO A 341 -21.50 10.39 1.89
CA PRO A 341 -22.46 11.31 1.28
C PRO A 341 -22.09 12.79 1.44
N THR A 342 -21.35 13.19 2.47
CA THR A 342 -21.02 14.61 2.57
C THR A 342 -20.03 15.03 1.47
N VAL A 343 -19.22 14.08 1.02
CA VAL A 343 -18.24 14.33 -0.05
C VAL A 343 -18.95 14.44 -1.39
N VAL A 344 -19.92 13.56 -1.61
CA VAL A 344 -20.73 13.56 -2.82
C VAL A 344 -21.56 14.84 -2.94
N GLU A 345 -22.13 15.26 -1.82
CA GLU A 345 -22.89 16.49 -1.76
C GLU A 345 -22.04 17.73 -2.07
N ALA A 346 -20.81 17.76 -1.56
CA ALA A 346 -19.89 18.84 -1.90
C ALA A 346 -19.58 18.87 -3.41
N GLN A 348 -21.54 17.49 -5.99
CA GLN A 348 -22.76 17.83 -6.73
C GLN A 348 -23.03 19.31 -6.71
N GLU A 349 -22.83 19.94 -5.56
CA GLU A 349 -23.17 21.36 -5.48
C GLU A 349 -22.07 22.22 -6.12
N ALA A 350 -20.84 21.73 -6.16
CA ALA A 350 -19.78 22.44 -6.89
C ALA A 350 -20.00 22.35 -8.40
N TYR A 351 -20.52 21.23 -8.86
CA TYR A 351 -20.75 21.03 -10.28
C TYR A 351 -21.95 21.86 -10.75
N ASN A 352 -22.91 22.01 -9.86
CA ASN A 352 -24.16 22.72 -10.14
C ASN A 352 -24.18 24.15 -9.61
N ALA B 6 15.64 2.48 37.08
CA ALA B 6 15.37 1.10 37.47
C ALA B 6 16.64 0.28 37.48
N THR B 7 16.77 -0.60 38.46
CA THR B 7 17.91 -1.50 38.53
C THR B 7 17.77 -2.60 37.48
N TYR B 8 18.85 -2.82 36.74
CA TYR B 8 18.87 -3.86 35.72
C TYR B 8 18.99 -5.23 36.38
N GLU B 10 19.26 -9.01 35.08
CA GLU B 10 19.38 -9.91 33.93
C GLU B 10 18.30 -11.00 33.92
N GLU B 11 17.65 -11.22 32.78
CA GLU B 11 16.71 -12.34 32.71
C GLU B 11 16.84 -13.07 31.37
N SER B 12 16.52 -14.36 31.37
CA SER B 12 16.66 -15.13 30.14
C SER B 12 15.70 -14.67 29.05
N ALA B 13 16.03 -14.99 27.81
CA ALA B 13 15.15 -14.65 26.68
C ALA B 13 13.77 -15.30 26.85
N GLN B 14 13.76 -16.56 27.30
CA GLN B 14 12.47 -17.24 27.43
C GLN B 14 11.63 -16.58 28.53
N SER B 15 12.28 -16.19 29.62
CA SER B 15 11.57 -15.53 30.72
C SER B 15 10.96 -14.21 30.20
N ALA B 16 11.74 -13.48 29.41
CA ALA B 16 11.24 -12.24 28.81
C ALA B 16 10.01 -12.53 27.94
N VAL B 17 10.12 -13.51 27.07
CA VAL B 17 9.02 -13.86 26.18
C VAL B 17 7.79 -14.31 26.97
N ASP B 18 7.99 -15.09 28.04
CA ASP B 18 6.85 -15.48 28.85
C ASP B 18 6.15 -14.29 29.53
N ASN B 19 6.92 -13.23 29.78
CA ASN B 19 6.41 -12.04 30.48
C ASN B 19 5.82 -10.98 29.54
N PHE B 20 6.02 -11.14 28.23
CA PHE B 20 5.43 -10.18 27.26
C PHE B 20 3.90 -10.12 27.32
N GLY B 21 3.26 -11.27 27.51
CA GLY B 21 1.80 -11.30 27.45
C GLY B 21 1.26 -10.80 26.11
N LEU B 22 0.12 -10.10 26.12
CA LEU B 22 -0.42 -9.45 24.91
C LEU B 22 0.46 -8.27 24.50
N GLY B 23 0.89 -8.24 23.23
CA GLY B 23 1.73 -7.18 22.71
C GLY B 23 1.03 -6.36 21.64
N PHE B 24 1.54 -5.14 21.41
CA PHE B 24 0.97 -4.23 20.43
C PHE B 24 2.11 -3.53 19.70
N ASN B 25 1.94 -3.33 18.39
CA ASN B 25 2.88 -2.54 17.56
C ASN B 25 2.38 -1.08 17.39
N LEU B 26 3.21 -0.14 17.84
CA LEU B 26 3.02 1.29 17.62
C LEU B 26 3.41 1.60 16.16
N GLY B 27 2.66 1.03 15.23
CA GLY B 27 3.01 1.11 13.82
C GLY B 27 2.71 2.45 13.18
N ASN B 28 3.36 2.65 12.03
CA ASN B 28 3.21 3.84 11.18
C ASN B 28 3.43 5.12 11.98
N THR B 29 4.37 5.05 12.93
CA THR B 29 4.64 6.12 13.87
C THR B 29 6.11 6.52 13.72
N LEU B 30 7.03 6.04 14.56
CA LEU B 30 8.44 6.39 14.31
C LEU B 30 9.02 5.65 13.08
N ASP B 31 8.27 4.67 12.57
CA ASP B 31 8.61 3.98 11.33
C ASP B 31 8.16 4.76 10.07
N ALA B 32 7.30 5.76 10.24
CA ALA B 32 6.87 6.58 9.10
C ALA B 32 8.06 7.33 8.53
N ASN B 33 8.08 7.51 7.20
CA ASN B 33 9.29 8.06 6.56
C ASN B 33 8.94 8.49 5.16
N GLY B 34 9.76 9.39 4.60
CA GLY B 34 9.59 9.83 3.21
C GLY B 34 9.43 11.32 3.01
N CYS B 35 9.39 12.09 4.11
CA CYS B 35 9.22 13.53 4.05
C CYS B 35 10.53 14.27 3.79
N GLY B 36 11.63 13.53 3.82
CA GLY B 36 12.95 14.13 3.60
C GLY B 36 13.72 14.37 4.88
N THR B 37 14.98 14.77 4.75
CA THR B 37 15.81 15.07 5.91
C THR B 37 15.59 16.46 6.50
N GLY B 38 15.96 16.60 7.77
CA GLY B 38 16.01 17.90 8.44
C GLY B 38 14.69 18.51 8.87
N LYS B 39 13.65 17.70 8.97
CA LYS B 39 12.32 18.19 9.34
C LYS B 39 12.16 18.12 10.85
N PRO B 40 11.20 18.87 11.41
CA PRO B 40 10.89 18.69 12.84
C PRO B 40 10.51 17.24 13.09
N VAL B 41 10.74 16.76 14.31
CA VAL B 41 10.54 15.35 14.57
C VAL B 41 9.10 14.95 14.27
N ALA B 42 8.14 15.82 14.60
CA ALA B 42 6.74 15.42 14.44
C ALA B 42 6.35 15.27 12.99
N THR B 43 7.09 15.94 12.10
CA THR B 43 6.83 15.79 10.69
C THR B 43 6.98 14.32 10.27
N TYR B 44 7.93 13.59 10.87
CA TYR B 44 8.09 12.15 10.61
C TYR B 44 7.01 11.35 11.31
N GLU B 45 6.89 11.57 12.62
CA GLU B 45 6.06 10.73 13.46
C GLU B 45 4.59 10.77 13.05
N THR B 46 4.15 11.91 12.51
CA THR B 46 2.76 12.08 12.06
C THR B 46 2.56 11.99 10.53
N PHE B 47 3.62 11.62 9.81
CA PHE B 47 3.62 11.66 8.34
C PHE B 47 2.64 10.64 7.75
N TRP B 48 2.39 9.56 8.48
CA TRP B 48 1.42 8.55 8.00
C TRP B 48 0.11 8.55 8.79
N GLY B 49 -0.21 9.69 9.40
CA GLY B 49 -1.52 9.91 9.96
C GLY B 49 -1.70 9.54 11.42
N GLN B 50 -0.65 9.13 12.11
CA GLN B 50 -0.78 8.85 13.54
C GLN B 50 -0.48 10.09 14.38
N PRO B 51 -1.08 10.18 15.57
CA PRO B 51 -0.79 11.28 16.47
C PRO B 51 0.59 11.09 17.09
N GLU B 52 1.14 12.18 17.63
CA GLU B 52 2.37 12.06 18.40
C GLU B 52 2.12 11.19 19.64
N THR B 53 3.05 10.30 19.90
CA THR B 53 2.94 9.38 21.03
C THR B 53 3.03 10.08 22.40
N THR B 54 2.22 9.63 23.35
CA THR B 54 2.23 10.22 24.68
C THR B 54 2.37 9.15 25.75
N GLN B 55 2.74 9.59 26.96
CA GLN B 55 2.82 8.71 28.12
C GLN B 55 1.49 7.99 28.37
N ASP B 56 0.39 8.74 28.25
CA ASP B 56 -0.94 8.18 28.46
C ASP B 56 -1.24 6.99 27.56
N THR B 59 0.53 3.99 29.22
CA THR B 59 -0.18 3.69 30.46
C THR B 59 -1.48 3.00 30.12
N PHE B 60 -2.16 3.47 29.08
CA PHE B 60 -3.40 2.84 28.64
C PHE B 60 -3.19 1.34 28.32
N LEU B 61 -2.16 1.03 27.54
CA LEU B 61 -1.88 -0.35 27.14
C LEU B 61 -1.69 -1.21 28.40
N GLN B 63 -2.68 -0.66 31.48
CA GLN B 63 -3.91 -0.71 32.28
C GLN B 63 -5.06 -1.46 31.61
N ASN B 64 -4.81 -1.93 30.39
CA ASN B 64 -5.85 -2.64 29.64
C ASN B 64 -5.35 -3.98 29.11
N GLY B 65 -4.45 -4.60 29.88
CA GLY B 65 -4.14 -6.01 29.72
C GLY B 65 -3.03 -6.34 28.74
N PHE B 66 -2.23 -5.34 28.37
CA PHE B 66 -1.12 -5.56 27.47
C PHE B 66 0.17 -5.37 28.25
N ASN B 67 1.18 -6.21 28.00
CA ASN B 67 2.43 -6.13 28.76
C ASN B 67 3.67 -5.83 27.93
N ALA B 68 3.52 -5.64 26.61
CA ALA B 68 4.67 -5.38 25.76
C ALA B 68 4.27 -4.50 24.59
N VAL B 69 5.17 -3.61 24.19
CA VAL B 69 4.93 -2.77 23.01
C VAL B 69 6.14 -2.87 22.08
N ARG B 70 5.87 -3.06 20.79
CA ARG B 70 6.94 -2.97 19.80
C ARG B 70 6.89 -1.58 19.18
N ILE B 71 8.04 -0.91 19.16
CA ILE B 71 8.20 0.46 18.67
C ILE B 71 9.06 0.46 17.42
N PRO B 72 8.44 0.29 16.25
CA PRO B 72 9.19 0.29 14.98
C PRO B 72 9.80 1.67 14.77
N VAL B 73 11.07 1.70 14.35
CA VAL B 73 11.74 2.95 14.08
C VAL B 73 12.42 2.85 12.71
N THR B 74 12.21 3.86 11.86
CA THR B 74 12.92 3.95 10.59
C THR B 74 13.95 5.04 10.73
N TRP B 75 15.19 4.73 10.37
CA TRP B 75 16.29 5.60 10.72
C TRP B 75 16.90 6.43 9.58
N TYR B 76 16.77 6.01 8.32
CA TYR B 76 17.66 6.56 7.27
C TYR B 76 17.58 8.07 7.08
N GLU B 77 16.40 8.67 7.25
CA GLU B 77 16.28 10.12 7.07
C GLU B 77 16.87 10.91 8.24
N HIS B 78 17.30 10.19 9.27
CA HIS B 78 17.84 10.78 10.50
C HIS B 78 19.33 10.53 10.61
N ASP B 80 23.13 11.30 9.00
CA ASP B 80 23.86 12.14 8.09
C ASP B 80 24.76 11.33 7.17
N ALA B 81 25.57 12.05 6.40
CA ALA B 81 26.43 11.45 5.40
C ALA B 81 27.37 10.41 6.00
N GLU B 82 27.70 10.60 7.28
CA GLU B 82 28.62 9.70 7.95
C GLU B 82 27.92 8.63 8.78
N GLY B 83 26.59 8.62 8.75
CA GLY B 83 25.83 7.63 9.48
C GLY B 83 25.51 8.00 10.92
N ASN B 84 25.85 9.20 11.35
CA ASN B 84 25.48 9.66 12.69
C ASN B 84 23.99 9.99 12.77
N VAL B 85 23.31 9.53 13.80
CA VAL B 85 21.88 9.79 13.98
C VAL B 85 21.69 11.16 14.62
N ASP B 86 20.72 11.92 14.08
CA ASP B 86 20.35 13.24 14.60
C ASP B 86 19.95 13.11 16.06
N GLU B 87 20.43 14.05 16.85
CA GLU B 87 20.19 14.07 18.27
C GLU B 87 18.70 14.21 18.61
N ALA B 88 17.98 15.10 17.94
CA ALA B 88 16.54 15.23 18.19
C ALA B 88 15.77 13.94 17.96
N TRP B 89 16.18 13.18 16.95
CA TRP B 89 15.51 11.92 16.65
C TRP B 89 15.82 10.89 17.74
N ARG B 92 13.90 11.51 20.80
CA ARG B 92 12.49 11.12 20.70
C ARG B 92 12.26 9.61 20.85
N VAL B 93 13.09 8.80 20.19
CA VAL B 93 13.10 7.36 20.44
C VAL B 93 13.28 7.06 21.93
N LYS B 94 14.26 7.71 22.55
CA LYS B 94 14.48 7.52 23.99
C LYS B 94 13.25 7.93 24.83
N ALA B 95 12.59 9.03 24.44
CA ALA B 95 11.46 9.53 25.20
C ALA B 95 10.30 8.54 25.15
N ILE B 96 10.03 8.01 23.97
CA ILE B 96 8.97 6.99 23.81
C ILE B 96 9.30 5.68 24.51
N VAL B 97 10.56 5.24 24.42
CA VAL B 97 11.03 4.11 25.25
C VAL B 97 10.72 4.36 26.74
N GLU B 98 11.05 5.57 27.20
CA GLU B 98 10.84 5.91 28.60
C GLU B 98 9.35 5.92 29.00
N TYR B 99 8.48 6.39 28.12
CA TYR B 99 7.02 6.23 28.36
C TYR B 99 6.67 4.77 28.64
N ALA B 100 7.20 3.87 27.82
CA ALA B 100 6.92 2.44 27.98
C ALA B 100 7.51 1.91 29.27
N ASN B 102 8.21 3.55 32.01
CA ASN B 102 7.44 4.13 33.11
C ASN B 102 6.12 3.39 33.31
N ALA B 103 5.55 2.88 32.24
CA ALA B 103 4.24 2.26 32.32
C ALA B 103 4.36 0.82 32.78
N GLY B 104 5.58 0.30 32.85
CA GLY B 104 5.75 -1.08 33.28
C GLY B 104 5.81 -2.10 32.15
N LEU B 105 5.84 -1.59 30.91
CA LEU B 105 5.82 -2.46 29.74
C LEU B 105 7.21 -3.00 29.42
N TYR B 106 7.24 -4.12 28.71
CA TYR B 106 8.40 -4.48 27.91
C TYR B 106 8.32 -3.66 26.62
N ALA B 107 9.49 -3.29 26.09
CA ALA B 107 9.53 -2.55 24.83
C ALA B 107 10.60 -3.11 23.89
N ILE B 108 10.31 -3.08 22.58
CA ILE B 108 11.29 -3.49 21.55
C ILE B 108 11.51 -2.28 20.65
N VAL B 109 12.77 -1.92 20.42
CA VAL B 109 13.07 -0.87 19.44
C VAL B 109 13.80 -1.57 18.30
N ASN B 110 13.42 -1.30 17.04
CA ASN B 110 14.06 -2.00 15.92
C ASN B 110 14.63 -1.05 14.88
N VAL B 111 15.05 -1.63 13.77
CA VAL B 111 15.41 -0.89 12.57
C VAL B 111 14.42 -1.39 11.53
N HIS B 112 13.52 -0.51 11.08
CA HIS B 112 12.26 -0.93 10.41
C HIS B 112 12.31 -0.71 8.90
N HIS B 113 11.91 0.46 8.41
CA HIS B 113 11.79 0.62 6.94
C HIS B 113 13.12 0.94 6.26
N ASP B 114 14.19 0.81 7.03
CA ASP B 114 15.53 0.70 6.50
C ASP B 114 15.68 -0.64 5.78
N THR B 115 14.70 -1.54 5.99
CA THR B 115 14.63 -2.82 5.28
C THR B 115 13.38 -2.85 4.39
N ALA B 116 13.41 -3.76 3.42
CA ALA B 116 12.26 -4.21 2.62
C ALA B 116 12.07 -3.41 1.34
N ALA B 117 10.81 -3.22 0.91
CA ALA B 117 10.51 -2.79 -0.48
C ALA B 117 10.33 -1.28 -0.67
N GLY B 118 10.32 -0.53 0.44
CA GLY B 118 10.08 0.91 0.37
C GLY B 118 11.24 1.70 -0.17
N SER B 119 10.98 2.93 -0.64
CA SER B 119 12.11 3.76 -1.10
C SER B 119 13.03 4.05 0.10
N GLY B 120 14.34 4.08 -0.12
CA GLY B 120 15.25 4.39 0.96
C GLY B 120 15.72 3.20 1.81
N ALA B 121 15.08 2.05 1.67
CA ALA B 121 15.60 0.85 2.31
C ALA B 121 17.01 0.59 1.82
N TRP B 122 17.91 0.24 2.75
CA TRP B 122 19.32 0.09 2.42
C TRP B 122 19.92 -1.19 2.96
N ILE B 123 19.22 -1.86 3.87
CA ILE B 123 19.66 -3.14 4.43
C ILE B 123 18.97 -4.25 3.64
N LYS B 124 19.76 -5.03 2.91
CA LYS B 124 19.21 -6.03 1.99
C LYS B 124 20.01 -7.33 2.03
N ALA B 125 19.30 -8.44 1.85
CA ALA B 125 19.89 -9.78 1.92
C ALA B 125 20.54 -10.08 0.58
N ASP B 126 21.72 -9.49 0.40
CA ASP B 126 22.42 -9.46 -0.87
C ASP B 126 23.88 -9.26 -0.53
N THR B 127 24.75 -10.08 -1.08
CA THR B 127 26.17 -10.03 -0.71
C THR B 127 26.84 -8.69 -0.96
N ASP B 128 26.55 -8.07 -2.09
CA ASP B 128 27.11 -6.77 -2.39
C ASP B 128 26.54 -5.66 -1.51
N VAL B 129 25.23 -5.67 -1.26
CA VAL B 129 24.68 -4.65 -0.40
C VAL B 129 25.26 -4.78 1.02
N TYR B 130 25.37 -6.02 1.51
CA TYR B 130 25.98 -6.27 2.81
C TYR B 130 27.41 -5.72 2.88
N ALA B 131 28.25 -6.07 1.91
CA ALA B 131 29.60 -5.53 1.85
C ALA B 131 29.62 -4.01 1.96
N ALA B 132 28.70 -3.36 1.24
CA ALA B 132 28.69 -1.90 1.15
C ALA B 132 28.09 -1.22 2.39
N THR B 133 27.34 -1.96 3.20
CA THR B 133 26.58 -1.32 4.27
C THR B 133 26.86 -1.88 5.65
N LYS B 134 27.73 -2.89 5.75
CA LYS B 134 27.90 -3.55 7.05
C LYS B 134 28.45 -2.62 8.15
N GLU B 135 29.43 -1.80 7.82
CA GLU B 135 29.94 -0.86 8.82
C GLU B 135 28.93 0.24 9.16
N LYS B 136 28.13 0.67 8.18
CA LYS B 136 27.04 1.63 8.45
C LYS B 136 26.02 1.01 9.44
N PHE B 137 25.69 -0.24 9.20
CA PHE B 137 24.73 -0.93 10.06
C PHE B 137 25.30 -1.10 11.49
N LYS B 138 26.56 -1.51 11.59
CA LYS B 138 27.19 -1.62 12.92
C LYS B 138 27.24 -0.30 13.67
N LYS B 139 27.58 0.78 12.96
CA LYS B 139 27.67 2.09 13.56
C LYS B 139 26.29 2.59 14.02
N LEU B 140 25.25 2.30 13.24
CA LEU B 140 23.89 2.62 13.65
C LEU B 140 23.59 1.90 14.96
N TRP B 141 23.85 0.60 14.98
CA TRP B 141 23.60 -0.18 16.20
C TRP B 141 24.41 0.23 17.43
N THR B 142 25.67 0.58 17.23
CA THR B 142 26.46 1.13 18.29
C THR B 142 25.80 2.36 18.89
N GLN B 143 25.27 3.23 18.02
CA GLN B 143 24.62 4.44 18.52
C GLN B 143 23.33 4.17 19.28
N ILE B 144 22.51 3.30 18.72
CA ILE B 144 21.26 2.95 19.37
C ILE B 144 21.59 2.31 20.73
N ALA B 145 22.52 1.36 20.74
CA ALA B 145 22.85 0.63 21.97
C ALA B 145 23.38 1.60 23.02
N ASN B 146 24.31 2.48 22.63
CA ASN B 146 24.82 3.49 23.56
C ASN B 146 23.73 4.42 24.11
N ALA B 147 22.85 4.89 23.23
CA ALA B 147 21.82 5.83 23.65
C ALA B 147 20.82 5.20 24.63
N LEU B 148 20.54 3.92 24.44
CA LEU B 148 19.53 3.21 25.25
C LEU B 148 20.16 2.28 26.28
N ALA B 149 21.47 2.40 26.51
CA ALA B 149 22.17 1.46 27.39
C ALA B 149 21.66 1.35 28.83
N ASP B 150 21.16 2.44 29.39
CA ASP B 150 20.86 2.48 30.83
C ASP B 150 19.50 1.92 31.23
N TYR B 151 18.66 1.61 30.25
CA TYR B 151 17.33 1.10 30.52
C TYR B 151 17.42 -0.35 30.95
N ASP B 152 16.44 -0.80 31.73
CA ASP B 152 16.59 -2.11 32.37
C ASP B 152 16.25 -3.22 31.38
N GLN B 153 16.08 -4.44 31.89
CA GLN B 153 15.85 -5.59 31.03
C GLN B 153 14.50 -5.58 30.31
N HIS B 154 13.63 -4.64 30.69
CA HIS B 154 12.37 -4.50 29.96
C HIS B 154 12.53 -3.98 28.53
N LEU B 155 13.69 -3.41 28.22
CA LEU B 155 13.95 -2.93 26.86
C LEU B 155 14.78 -3.94 26.09
N LEU B 156 14.29 -4.35 24.93
CA LEU B 156 14.98 -5.24 24.00
C LEU B 156 15.24 -4.53 22.67
N PHE B 157 16.28 -4.97 21.96
CA PHE B 157 16.64 -4.39 20.68
C PHE B 157 16.37 -5.47 19.63
N GLU B 158 15.83 -5.05 18.48
CA GLU B 158 15.60 -5.94 17.36
C GLU B 158 16.39 -5.43 16.14
N GLY B 159 17.30 -6.27 15.65
CA GLY B 159 18.28 -5.88 14.64
C GLY B 159 17.78 -5.30 13.33
N TYR B 160 16.73 -5.88 12.75
CA TYR B 160 16.23 -5.48 11.43
C TYR B 160 14.84 -6.10 11.27
N ASN B 161 13.99 -5.46 10.47
CA ASN B 161 12.57 -5.85 10.40
C ASN B 161 12.28 -6.95 9.39
N GLU B 162 12.21 -6.58 8.10
CA GLU B 162 11.82 -7.51 7.05
C GLU B 162 12.83 -7.38 5.93
N LEU B 164 14.87 -8.19 2.76
CA LEU B 164 14.63 -8.90 1.50
C LEU B 164 15.88 -8.82 0.62
N ASP B 165 15.91 -9.60 -0.45
CA ASP B 165 16.99 -9.46 -1.43
C ASP B 165 16.80 -8.21 -2.27
N GLY B 166 17.66 -8.05 -3.27
CA GLY B 166 17.64 -6.89 -4.12
C GLY B 166 16.42 -6.78 -5.01
N ASN B 167 15.72 -7.88 -5.18
CA ASN B 167 14.50 -7.92 -5.96
C ASN B 167 13.24 -7.85 -5.09
N ASN B 168 13.44 -7.54 -3.80
CA ASN B 168 12.33 -7.51 -2.85
C ASN B 168 11.47 -8.79 -2.91
N SER B 169 12.13 -9.94 -3.00
CA SER B 169 11.42 -11.22 -3.02
C SER B 169 10.86 -11.51 -1.64
N TRP B 170 9.55 -11.74 -1.57
CA TRP B 170 8.88 -11.85 -0.29
C TRP B 170 8.86 -13.26 0.34
N ASP B 171 9.08 -14.28 -0.47
CA ASP B 171 9.08 -15.64 0.08
C ASP B 171 10.47 -16.13 0.52
N GLU B 172 11.43 -16.00 -0.40
CA GLU B 172 12.78 -16.55 -0.27
C GLU B 172 13.65 -15.68 -1.15
N PRO B 173 14.94 -15.52 -0.77
CA PRO B 173 15.85 -14.80 -1.67
C PRO B 173 16.01 -15.61 -2.96
N GLN B 174 16.19 -14.91 -4.08
CA GLN B 174 16.34 -15.60 -5.34
C GLN B 174 17.66 -16.35 -5.41
N LYS B 175 18.65 -15.85 -4.67
CA LYS B 175 19.93 -16.52 -4.54
C LYS B 175 20.18 -16.92 -3.09
N ALA B 176 20.71 -18.12 -2.88
CA ALA B 176 21.02 -18.61 -1.55
C ALA B 176 22.05 -17.75 -0.82
N SER B 177 22.91 -17.05 -1.57
CA SER B 177 23.87 -16.16 -0.92
C SER B 177 23.17 -15.04 -0.12
N GLY B 178 21.92 -14.76 -0.43
CA GLY B 178 21.15 -13.80 0.35
C GLY B 178 21.01 -14.20 1.81
N TYR B 179 20.94 -15.50 2.08
CA TYR B 179 20.84 -15.96 3.46
C TYR B 179 22.13 -15.70 4.22
N GLU B 180 23.26 -15.92 3.54
CA GLU B 180 24.58 -15.63 4.10
C GLU B 180 24.66 -14.16 4.51
N ALA B 181 24.16 -13.27 3.66
CA ALA B 181 24.15 -11.86 3.98
C ALA B 181 23.28 -11.56 5.19
N LEU B 182 22.07 -12.08 5.22
CA LEU B 182 21.22 -11.84 6.37
C LEU B 182 21.85 -12.38 7.67
N ASN B 183 22.34 -13.61 7.61
CA ASN B 183 22.97 -14.21 8.79
C ASN B 183 24.17 -13.37 9.25
N ASN B 184 24.90 -12.79 8.30
CA ASN B 184 26.02 -11.93 8.66
C ASN B 184 25.55 -10.62 9.32
N TYR B 185 24.50 -10.00 8.78
CA TYR B 185 23.96 -8.80 9.42
C TYR B 185 23.49 -9.14 10.84
N ALA B 186 22.82 -10.28 11.00
CA ALA B 186 22.36 -10.71 12.32
C ALA B 186 23.53 -10.83 13.30
N GLN B 187 24.62 -11.44 12.86
CA GLN B 187 25.81 -11.56 13.72
C GLN B 187 26.40 -10.19 14.04
N ASP B 188 26.46 -9.32 13.03
CA ASP B 188 27.00 -7.96 13.18
C ASP B 188 26.20 -7.13 14.20
N PHE B 189 24.90 -7.30 14.20
CA PHE B 189 24.00 -6.65 15.17
C PHE B 189 24.33 -7.09 16.60
N VAL B 190 24.40 -8.40 16.82
CA VAL B 190 24.69 -8.91 18.14
C VAL B 190 26.08 -8.42 18.56
N ASP B 191 27.05 -8.55 17.65
CA ASP B 191 28.42 -8.11 17.95
C ASP B 191 28.45 -6.64 18.37
N ALA B 192 27.82 -5.77 17.58
CA ALA B 192 27.87 -4.34 17.87
C ALA B 192 27.23 -4.00 19.21
N VAL B 193 26.07 -4.59 19.49
CA VAL B 193 25.38 -4.33 20.76
C VAL B 193 26.21 -4.82 21.94
N ARG B 194 26.74 -6.04 21.82
CA ARG B 194 27.45 -6.61 22.96
C ARG B 194 28.72 -5.83 23.28
N ALA B 195 29.36 -5.28 22.26
CA ALA B 195 30.62 -4.57 22.44
C ALA B 195 30.44 -3.32 23.30
N THR B 196 29.23 -2.80 23.39
CA THR B 196 29.01 -1.58 24.18
C THR B 196 28.99 -1.87 25.68
N GLY B 197 28.96 -3.15 26.06
CA GLY B 197 29.04 -3.55 27.45
C GLY B 197 27.91 -3.08 28.36
N GLY B 198 28.17 -3.07 29.66
CA GLY B 198 27.16 -2.68 30.63
C GLY B 198 25.94 -3.57 30.56
N ASN B 199 24.75 -2.97 30.67
CA ASN B 199 23.51 -3.76 30.56
C ASN B 199 23.39 -4.45 29.20
N ASN B 200 24.02 -3.88 28.18
CA ASN B 200 23.95 -4.42 26.83
C ASN B 200 24.76 -5.72 26.68
N ALA B 201 25.58 -6.05 27.67
CA ALA B 201 26.29 -7.31 27.63
C ALA B 201 25.35 -8.51 27.73
N THR B 202 24.19 -8.32 28.36
CA THR B 202 23.26 -9.42 28.59
C THR B 202 21.82 -9.05 28.23
N ARG B 203 21.60 -7.87 27.65
CA ARG B 203 20.26 -7.49 27.22
C ARG B 203 19.69 -8.52 26.23
N ASN B 204 18.41 -8.80 26.32
CA ASN B 204 17.79 -9.67 25.33
C ASN B 204 17.67 -9.01 23.97
N LEU B 205 18.16 -9.69 22.95
CA LEU B 205 18.14 -9.18 21.57
C LEU B 205 17.30 -10.07 20.67
N ILE B 206 16.72 -9.47 19.63
CA ILE B 206 15.78 -10.16 18.74
C ILE B 206 16.30 -10.16 17.32
N VAL B 207 16.34 -11.34 16.70
CA VAL B 207 16.80 -11.46 15.31
C VAL B 207 15.70 -12.05 14.45
N ASN B 208 15.50 -11.48 13.26
CA ASN B 208 14.38 -11.92 12.43
C ASN B 208 14.85 -12.82 11.28
N THR B 209 13.95 -13.67 10.81
CA THR B 209 14.23 -14.49 9.64
C THR B 209 14.16 -13.62 8.37
N TYR B 210 14.62 -14.18 7.26
CA TYR B 210 14.38 -13.58 5.92
C TYR B 210 12.93 -13.18 5.74
N ALA B 211 12.69 -11.89 5.44
CA ALA B 211 11.35 -11.34 5.23
C ALA B 211 10.42 -11.46 6.43
N ALA B 212 10.98 -11.84 7.59
CA ALA B 212 10.19 -12.27 8.74
C ALA B 212 9.23 -13.38 8.35
N ALA B 213 9.61 -14.18 7.35
CA ALA B 213 8.81 -15.30 6.86
C ALA B 213 9.17 -16.62 7.55
N LYS B 214 8.46 -17.70 7.22
CA LYS B 214 8.68 -18.94 7.95
C LYS B 214 8.45 -20.18 7.11
N GLY B 215 8.61 -20.08 5.79
CA GLY B 215 8.66 -21.27 4.96
C GLY B 215 9.87 -22.13 5.27
N GLU B 216 9.84 -23.36 4.77
CA GLU B 216 10.89 -24.35 5.00
C GLU B 216 12.29 -23.87 4.67
N ASN B 217 12.49 -23.34 3.47
CA ASN B 217 13.81 -22.87 3.07
C ASN B 217 14.30 -21.71 3.92
N VAL B 218 13.40 -20.78 4.24
CA VAL B 218 13.74 -19.66 5.11
C VAL B 218 14.16 -20.11 6.51
N LEU B 219 13.44 -21.07 7.09
CA LEU B 219 13.82 -21.57 8.42
C LEU B 219 15.13 -22.38 8.39
N ASN B 220 15.26 -23.25 7.38
CA ASN B 220 16.45 -24.10 7.26
C ASN B 220 17.72 -23.29 7.05
N ASN B 221 17.60 -22.10 6.45
CA ASN B 221 18.79 -21.34 6.09
C ASN B 221 19.05 -20.16 7.02
N PHE B 222 18.21 -20.06 8.05
CA PHE B 222 18.44 -19.09 9.11
C PHE B 222 19.49 -19.62 10.07
N LEU B 224 21.31 -18.74 13.63
CA LEU B 224 21.32 -17.87 14.81
C LEU B 224 22.73 -17.38 15.03
N PRO B 225 22.90 -16.10 15.33
CA PRO B 225 24.25 -15.61 15.65
C PRO B 225 24.84 -16.30 16.87
N THR B 226 26.17 -16.36 16.92
CA THR B 226 26.87 -16.87 18.09
CA THR B 226 26.90 -16.86 18.09
C THR B 226 27.04 -15.73 19.10
N ASP B 227 26.42 -15.85 20.27
CA ASP B 227 26.43 -14.80 21.28
C ASP B 227 27.55 -15.08 22.29
N ALA B 228 28.04 -14.03 22.97
CA ALA B 228 29.06 -14.16 24.01
C ALA B 228 28.51 -14.66 25.34
N VAL B 229 27.18 -14.56 25.49
CA VAL B 229 26.47 -14.99 26.69
C VAL B 229 25.35 -15.94 26.27
N ASN B 230 24.91 -16.83 27.17
CA ASN B 230 23.87 -17.79 26.81
C ASN B 230 22.47 -17.27 27.03
N ASN B 231 21.55 -17.73 26.18
CA ASN B 231 20.11 -17.56 26.39
C ASN B 231 19.63 -16.11 26.49
N HIS B 232 20.20 -15.26 25.66
CA HIS B 232 19.73 -13.89 25.53
C HIS B 232 19.38 -13.49 24.09
N LEU B 233 18.97 -14.45 23.28
CA LEU B 233 18.53 -14.17 21.89
C LEU B 233 17.13 -14.73 21.65
N ILE B 234 16.32 -14.00 20.89
CA ILE B 234 14.95 -14.38 20.53
C ILE B 234 14.86 -14.31 19.01
N VAL B 235 14.13 -15.24 18.40
CA VAL B 235 13.88 -15.15 16.95
CA VAL B 235 13.89 -15.10 16.97
C VAL B 235 12.49 -14.58 16.67
N GLN B 236 12.36 -13.77 15.64
CA GLN B 236 11.06 -13.15 15.33
C GLN B 236 10.62 -13.45 13.91
N VAL B 237 9.34 -13.79 13.75
CA VAL B 237 8.71 -13.87 12.43
C VAL B 237 7.41 -13.08 12.47
N HIS B 238 6.81 -12.84 11.29
CA HIS B 238 5.53 -12.14 11.22
C HIS B 238 4.50 -13.08 10.59
N SER B 239 3.22 -12.87 10.90
CA SER B 239 2.16 -13.69 10.32
C SER B 239 0.88 -12.95 9.96
N TYR B 240 0.58 -12.90 8.66
CA TYR B 240 -0.69 -12.41 8.18
C TYR B 240 -1.37 -13.54 7.42
N ASP B 241 -1.15 -14.76 7.90
CA ASP B 241 -1.62 -15.96 7.22
C ASP B 241 -3.04 -16.41 7.65
N PRO B 242 -3.77 -17.08 6.74
CA PRO B 242 -3.49 -17.27 5.30
C PRO B 242 -3.53 -15.92 4.59
N TRP B 243 -2.60 -15.70 3.66
CA TRP B 243 -2.50 -14.43 2.95
C TRP B 243 -3.84 -14.01 2.34
N ASN B 244 -4.21 -12.75 2.59
CA ASN B 244 -5.40 -12.10 2.04
C ASN B 244 -6.72 -12.68 2.56
N PHE B 245 -6.66 -13.46 3.63
CA PHE B 245 -7.87 -14.06 4.20
C PHE B 245 -8.97 -13.02 4.47
N PHE B 246 -8.57 -11.79 4.78
CA PHE B 246 -9.54 -10.77 5.22
C PHE B 246 -10.44 -10.39 4.05
N ASN B 247 -9.90 -10.52 2.85
CA ASN B 247 -10.69 -10.27 1.64
C ASN B 247 -11.39 -11.49 1.05
N THR B 248 -11.04 -12.69 1.51
CA THR B 248 -11.55 -13.91 0.88
C THR B 248 -12.37 -14.82 1.82
N LYS B 249 -12.10 -14.75 3.12
CA LYS B 249 -12.78 -15.61 4.10
C LYS B 249 -14.01 -14.92 4.69
N THR B 250 -15.05 -15.70 4.95
CA THR B 250 -16.21 -15.18 5.65
C THR B 250 -16.07 -15.34 7.17
N THR B 251 -15.51 -16.47 7.59
CA THR B 251 -15.22 -16.67 9.00
C THR B 251 -13.83 -17.23 9.17
N TRP B 252 -13.29 -17.15 10.38
CA TRP B 252 -12.00 -17.75 10.65
C TRP B 252 -12.21 -19.27 10.79
N ASP B 253 -12.12 -19.98 9.66
CA ASP B 253 -12.57 -21.36 9.57
C ASP B 253 -11.43 -22.35 9.82
N SER B 254 -11.70 -23.63 9.58
CA SER B 254 -10.75 -24.69 9.85
C SER B 254 -9.45 -24.49 9.07
N GLU B 255 -9.60 -24.09 7.81
CA GLU B 255 -8.45 -23.81 6.96
C GLU B 255 -7.57 -22.72 7.57
N CYS B 256 -8.18 -21.64 8.04
CA CYS B 256 -7.40 -20.60 8.73
C CYS B 256 -6.71 -21.13 9.99
N HIS B 257 -7.44 -21.88 10.80
CA HIS B 257 -6.92 -22.43 12.03
C HIS B 257 -5.77 -23.42 11.79
N ASN B 258 -5.96 -24.31 10.83
CA ASN B 258 -4.93 -25.31 10.50
C ASN B 258 -3.71 -24.64 9.96
N THR B 259 -3.90 -23.56 9.21
CA THR B 259 -2.76 -22.76 8.80
C THR B 259 -1.90 -22.26 9.95
N LEU B 260 -2.51 -21.71 10.99
CA LEU B 260 -1.71 -21.22 12.10
C LEU B 260 -1.12 -22.38 12.92
N THR B 261 -1.88 -23.45 13.13
CA THR B 261 -1.32 -24.53 13.93
C THR B 261 -0.10 -25.10 13.22
N GLU B 262 -0.12 -25.12 11.88
CA GLU B 262 1.01 -25.64 11.15
C GLU B 262 2.21 -24.71 11.26
N ILE B 263 1.94 -23.41 11.31
CA ILE B 263 3.02 -22.44 11.50
C ILE B 263 3.69 -22.60 12.86
N PHE B 264 2.89 -22.65 13.92
CA PHE B 264 3.45 -22.86 15.26
C PHE B 264 4.19 -24.19 15.38
N SER B 265 3.70 -25.23 14.72
CA SER B 265 4.37 -26.53 14.79
C SER B 265 5.74 -26.44 14.12
N ALA B 266 5.78 -25.77 12.96
CA ALA B 266 7.04 -25.60 12.26
C ALA B 266 8.03 -24.77 13.07
N LEU B 267 7.55 -23.71 13.72
CA LEU B 267 8.45 -22.83 14.47
C LEU B 267 8.98 -23.56 15.72
N SER B 268 8.10 -24.31 16.38
CA SER B 268 8.48 -25.01 17.60
C SER B 268 9.45 -26.18 17.33
N LYS B 269 9.32 -26.75 16.13
CA LYS B 269 10.24 -27.80 15.68
C LYS B 269 11.62 -27.23 15.35
N LYS B 270 11.66 -26.05 14.74
CA LYS B 270 12.91 -25.38 14.40
C LYS B 270 13.64 -24.81 15.62
N PHE B 271 12.89 -24.16 16.49
CA PHE B 271 13.50 -23.37 17.57
C PHE B 271 13.15 -24.04 18.89
N THR B 272 14.11 -24.81 19.40
CA THR B 272 13.88 -25.64 20.57
C THR B 272 14.62 -25.19 21.84
N THR B 273 15.72 -24.46 21.69
CA THR B 273 16.45 -23.96 22.85
C THR B 273 16.40 -22.41 22.86
N ILE B 274 15.76 -21.84 21.84
CA ILE B 274 15.62 -20.41 21.61
C ILE B 274 14.14 -20.09 21.54
N PRO B 275 13.70 -19.04 22.24
CA PRO B 275 12.29 -18.68 22.05
C PRO B 275 12.06 -17.90 20.76
N TYR B 276 10.83 -17.91 20.28
CA TYR B 276 10.43 -17.07 19.13
C TYR B 276 9.19 -16.28 19.44
N ILE B 277 9.01 -15.14 18.75
CA ILE B 277 7.80 -14.35 18.87
C ILE B 277 7.15 -14.11 17.50
N ILE B 278 5.83 -13.91 17.49
CA ILE B 278 5.11 -13.43 16.31
C ILE B 278 5.08 -11.90 16.47
N GLY B 279 6.04 -11.23 15.85
CA GLY B 279 6.25 -9.82 16.11
C GLY B 279 5.24 -8.89 15.44
N GLU B 280 4.55 -9.40 14.42
CA GLU B 280 3.42 -8.73 13.80
C GLU B 280 2.40 -9.76 13.39
N TYR B 281 1.14 -9.42 13.58
CA TYR B 281 0.04 -10.17 12.95
C TYR B 281 -1.14 -9.24 12.82
N GLY B 282 -2.10 -9.61 11.98
CA GLY B 282 -3.24 -8.74 11.72
C GLY B 282 -3.99 -9.19 10.48
N THR B 283 -4.95 -8.37 10.06
CA THR B 283 -5.83 -8.69 8.92
C THR B 283 -5.29 -8.15 7.59
N HIS B 284 -4.16 -7.45 7.65
CA HIS B 284 -3.60 -6.80 6.47
C HIS B 284 -3.29 -7.80 5.39
N GLY B 285 -3.90 -7.60 4.21
CA GLY B 285 -3.74 -8.48 3.07
C GLY B 285 -3.31 -7.74 1.82
N GLU B 286 -3.89 -8.10 0.68
CA GLU B 286 -3.50 -7.47 -0.59
C GLU B 286 -3.60 -5.96 -0.50
N SER B 287 -2.57 -5.27 -0.96
CA SER B 287 -2.50 -3.79 -0.93
C SER B 287 -2.71 -3.20 0.47
N ASP B 288 -2.33 -3.96 1.48
CA ASP B 288 -2.50 -3.59 2.91
C ASP B 288 -3.95 -3.33 3.32
N ILE B 289 -4.91 -3.83 2.53
CA ILE B 289 -6.31 -3.72 2.91
C ILE B 289 -6.53 -4.47 4.22
N SER B 290 -7.27 -3.86 5.15
CA SER B 290 -7.34 -4.37 6.51
C SER B 290 -8.61 -3.94 7.21
N VAL B 291 -8.83 -4.48 8.40
CA VAL B 291 -10.07 -4.20 9.12
C VAL B 291 -10.06 -2.78 9.67
N SER B 292 -11.24 -2.20 9.83
CA SER B 292 -11.38 -0.97 10.61
C SER B 292 -12.70 -0.94 11.36
N LYS B 293 -12.85 0.11 12.17
CA LYS B 293 -14.09 0.40 12.91
C LYS B 293 -15.34 0.36 12.03
N SER B 294 -15.20 0.72 10.76
CA SER B 294 -16.36 0.79 9.88
C SER B 294 -16.56 -0.43 8.99
N SER B 295 -15.75 -1.47 9.19
CA SER B 295 -15.91 -2.73 8.48
C SER B 295 -17.20 -3.36 8.94
N PRO B 296 -17.81 -4.19 8.09
CA PRO B 296 -19.04 -4.90 8.51
C PRO B 296 -18.76 -5.73 9.76
N ALA B 297 -19.76 -5.86 10.62
CA ALA B 297 -19.66 -6.65 11.85
C ALA B 297 -19.02 -8.02 11.66
N GLU B 298 -19.37 -8.72 10.60
CA GLU B 298 -18.83 -10.05 10.32
C GLU B 298 -17.32 -10.02 10.05
N LYS B 299 -16.83 -8.94 9.49
CA LYS B 299 -15.40 -8.78 9.26
C LYS B 299 -14.65 -8.44 10.53
N ILE B 300 -15.32 -7.73 11.42
CA ILE B 300 -14.70 -7.36 12.67
C ILE B 300 -14.61 -8.65 13.50
N LYS B 301 -15.62 -9.51 13.34
CA LYS B 301 -15.61 -10.81 14.01
C LYS B 301 -14.49 -11.72 13.46
N LEU B 302 -14.25 -11.65 12.16
CA LEU B 302 -13.15 -12.39 11.54
C LEU B 302 -11.84 -11.97 12.19
N ALA B 303 -11.68 -10.66 12.33
CA ALA B 303 -10.51 -10.09 12.96
C ALA B 303 -10.39 -10.55 14.43
N ALA B 304 -11.49 -10.55 15.16
CA ALA B 304 -11.47 -11.00 16.57
C ALA B 304 -11.07 -12.47 16.67
N ASP B 305 -11.68 -13.31 15.83
CA ASP B 305 -11.38 -14.74 15.86
C ASP B 305 -9.94 -15.07 15.48
N GLN B 306 -9.38 -14.36 14.51
CA GLN B 306 -7.96 -14.51 14.19
C GLN B 306 -7.10 -14.24 15.42
N ALA B 307 -7.37 -13.12 16.07
CA ALA B 307 -6.56 -12.65 17.17
C ALA B 307 -6.69 -13.61 18.36
N ALA B 308 -7.92 -14.05 18.64
CA ALA B 308 -8.12 -15.02 19.72
C ALA B 308 -7.29 -16.29 19.49
N ASP B 309 -7.24 -16.76 18.26
CA ASP B 309 -6.58 -18.04 17.98
C ASP B 309 -5.06 -17.84 18.02
N VAL B 311 -3.36 -15.58 19.74
CA VAL B 311 -2.90 -15.38 21.12
C VAL B 311 -2.82 -16.69 21.91
N LYS B 312 -3.81 -17.55 21.73
CA LYS B 312 -3.87 -18.81 22.48
C LYS B 312 -2.81 -19.78 22.00
N LEU B 313 -2.66 -19.92 20.68
CA LEU B 313 -1.62 -20.80 20.12
C LEU B 313 -0.22 -20.37 20.54
N ALA B 314 0.05 -19.07 20.51
CA ALA B 314 1.35 -18.56 20.97
C ALA B 314 1.59 -18.85 22.45
N LYS B 315 0.58 -18.62 23.29
CA LYS B 315 0.71 -18.90 24.71
C LYS B 315 1.03 -20.39 24.92
N ASP B 316 0.34 -21.26 24.20
CA ASP B 316 0.57 -22.70 24.31
C ASP B 316 1.95 -23.18 23.84
N HIS B 317 2.53 -22.43 22.92
CA HIS B 317 3.84 -22.71 22.35
C HIS B 317 4.96 -21.93 23.07
N HIS B 318 4.63 -21.31 24.20
CA HIS B 318 5.61 -20.49 24.95
C HIS B 318 6.25 -19.41 24.06
N SER B 319 5.38 -18.79 23.25
CA SER B 319 5.75 -17.69 22.38
C SER B 319 5.01 -16.44 22.88
N ALA B 320 4.93 -15.42 22.06
CA ALA B 320 4.20 -14.19 22.39
C ALA B 320 3.94 -13.45 21.10
N THR B 321 3.01 -12.50 21.13
CA THR B 321 2.52 -11.87 19.90
C THR B 321 2.30 -10.37 20.02
N PHE B 322 2.44 -9.68 18.89
CA PHE B 322 2.28 -8.23 18.81
C PHE B 322 1.33 -7.86 17.71
N TYR B 323 0.19 -7.29 18.06
CA TYR B 323 -0.82 -6.90 17.07
C TYR B 323 -0.36 -5.72 16.19
N TRP B 324 -0.49 -5.85 14.86
CA TRP B 324 -0.15 -4.71 14.02
C TRP B 324 -1.28 -3.66 13.95
N SER B 326 -4.16 -2.20 14.29
CA SER B 326 -5.58 -1.92 14.08
C SER B 326 -6.39 -1.70 15.36
N ILE B 327 -6.00 -2.36 16.42
CA ILE B 327 -6.76 -2.29 17.67
C ILE B 327 -6.66 -0.95 18.40
N PHE B 328 -5.68 -0.12 18.06
CA PHE B 328 -5.41 1.08 18.84
C PHE B 328 -4.81 2.10 17.88
N ASP B 329 -5.68 2.79 17.15
CA ASP B 329 -5.28 3.49 15.94
C ASP B 329 -5.75 4.94 15.83
N GLY B 330 -4.88 5.77 15.26
CA GLY B 330 -5.22 7.13 14.91
C GLY B 330 -5.79 7.93 16.06
N SER B 331 -6.91 8.60 15.84
CA SER B 331 -7.51 9.47 16.86
C SER B 331 -7.89 8.72 18.14
N ASP B 332 -8.11 7.41 18.03
CA ASP B 332 -8.43 6.66 19.24
C ASP B 332 -7.25 6.67 20.23
N ARG B 333 -6.02 6.75 19.72
CA ARG B 333 -4.86 6.76 20.61
C ARG B 333 -4.86 7.96 21.55
N ILE B 334 -5.40 9.10 21.10
CA ILE B 334 -5.34 10.29 21.93
C ILE B 334 -6.42 10.39 23.00
N GLN B 335 -7.43 9.53 22.90
CA GLN B 335 -8.52 9.59 23.88
C GLN B 335 -8.09 9.26 25.35
N PRO B 336 -7.43 8.11 25.60
CA PRO B 336 -7.15 6.95 24.76
C PRO B 336 -8.27 5.91 24.89
N GLN B 337 -8.55 5.18 23.80
CA GLN B 337 -9.54 4.11 23.79
C GLN B 337 -9.19 3.13 22.70
N TRP B 338 -9.70 1.89 22.79
CA TRP B 338 -9.52 0.91 21.73
C TRP B 338 -10.32 1.29 20.47
N SER B 339 -9.71 1.06 19.30
CA SER B 339 -10.39 1.24 18.02
C SER B 339 -11.32 0.05 17.80
N LEU B 340 -10.89 -1.13 18.25
CA LEU B 340 -11.64 -2.36 18.03
C LEU B 340 -11.78 -3.15 19.35
N PRO B 341 -12.66 -2.69 20.22
CA PRO B 341 -12.85 -3.29 21.55
C PRO B 341 -13.24 -4.76 21.50
N THR B 342 -13.97 -5.20 20.48
CA THR B 342 -14.37 -6.61 20.44
C THR B 342 -13.18 -7.52 20.11
N VAL B 343 -12.24 -7.03 19.32
CA VAL B 343 -11.03 -7.79 18.99
C VAL B 343 -10.16 -7.92 20.24
N VAL B 344 -10.03 -6.83 20.99
CA VAL B 344 -9.25 -6.85 22.22
C VAL B 344 -9.84 -7.76 23.28
N GLU B 345 -11.16 -7.70 23.46
CA GLU B 345 -11.85 -8.58 24.38
C GLU B 345 -11.59 -10.05 24.07
N ALA B 346 -11.60 -10.41 22.80
CA ALA B 346 -11.39 -11.79 22.37
C ALA B 346 -9.96 -12.22 22.69
N GLN B 348 -8.04 -10.84 25.11
CA GLN B 348 -7.87 -10.91 26.56
C GLN B 348 -8.48 -12.22 27.07
N GLU B 349 -9.63 -12.60 26.53
CA GLU B 349 -10.30 -13.81 27.03
C GLU B 349 -9.46 -15.04 26.71
N ALA B 350 -8.91 -15.07 25.50
CA ALA B 350 -8.08 -16.18 25.05
C ALA B 350 -6.82 -16.32 25.88
N TYR B 351 -6.22 -15.20 26.23
CA TYR B 351 -4.98 -15.18 26.97
C TYR B 351 -5.20 -15.60 28.42
N ASN B 352 -6.32 -15.16 28.99
CA ASN B 352 -6.74 -15.55 30.32
C ASN B 352 -7.49 -16.89 30.29
#